data_6OZ4
#
_entry.id   6OZ4
#
_cell.length_a   164.703
_cell.length_b   164.703
_cell.length_c   164.703
_cell.angle_alpha   90.00
_cell.angle_beta   90.00
_cell.angle_gamma   90.00
#
_symmetry.space_group_name_H-M   'P 21 3'
#
loop_
_entity.id
_entity.type
_entity.pdbx_description
1 polymer 'Envelope glycoprotein gp160'
2 polymer 'Envelope glycoprotein gp41'
3 polymer 'N49P6 antibody Fab heavy chain'
4 polymer 'N49P6 antibody light chain'
5 branched beta-D-mannopyranose-(1-4)-2-acetamido-2-deoxy-beta-D-glucopyranose-(1-4)-2-acetamido-2-deoxy-beta-D-glucopyranose
6 branched 2-acetamido-2-deoxy-beta-D-glucopyranose-(1-4)-2-acetamido-2-deoxy-beta-D-glucopyranose
7 branched alpha-D-mannopyranose-(1-6)-beta-D-mannopyranose-(1-4)-2-acetamido-2-deoxy-beta-D-glucopyranose-(1-4)-2-acetamido-2-deoxy-beta-D-glucopyranose
8 branched alpha-D-mannopyranose-(1-2)-alpha-D-mannopyranose-(1-3)-alpha-D-mannopyranose-(1-6)-[alpha-D-mannopyranose-(1-3)]beta-D-mannopyranose-(1-4)-2-acetamido-2-deoxy-beta-D-glucopyranose-(1-4)-2-acetamido-2-deoxy-beta-D-glucopyranose
9 non-polymer 2-acetamido-2-deoxy-beta-D-glucopyranose
#
loop_
_entity_poly.entity_id
_entity_poly.type
_entity_poly.pdbx_seq_one_letter_code
_entity_poly.pdbx_strand_id
1 'polypeptide(L)'
;AENLWVTVYYGVPVWKDAETTLFCASDAKAYETEKHNVWATHACVPTDPNPQEIHLENVTEEFNMWKNNMVEQMHTDIIS
LWDQSLKPCVKLTPLCVTLQCTNVTNNITDDMRGELKNCSFNMTTELRDKKQKVYSLFYRLDVVQINENQGNRSNNSNKE
YRLINCNTSAITQACPKVSFEPIPIHYCAPAGFAILKCKDKKFNGTGPCPSVSTVQCTHGIKPVVSTQLLLNGSLAEEEV
MIRSENITNNAKNILVQFNTPVQINCTRPNNNTRKSIRIGPGQAFYATGDIIGDIRQAHCNVSKATWNETLGKVVKQLRK
HFGNNTIIRFANSSGGDLEVTTHSFNCGGEFFYCNTSGLFNSTWISNTSVQGSNSTGSNDSITLPCRIKQIINMWQRIGQ
AMYAPPIQGVIRCVSNITGLILTRDGGSTNSTTETFRPGGGDMRDNWRSELYKYKVVKIEPLGVAPTRCKRRVVGRRRRR
R
;
G
2 'polypeptide(L)'
;AVGIGAVFLGFLGAAGSTMGAASMTLTVQARNLLSGIVQQQSNLLRAPEAQQHLLKLTVWGIKQLQARVLAVERYLRDQQ
LLGIWGCSGKLICCTNVPWNSSWSNRNLSEIWDNMTWLQWDKEISNYTQIIYGLLEESQNQQEKNEQDLLALD
;
B
3 'polypeptide(L)'
;AGLMQSGAVMKNSGASVRVSCQADGYDFIDYVIHWFRQRRGEGLEWLGWMNPSGGGTNYPRPFQGKVTMTRDTSTETAYL
DVRGLTYDDTAVYYCVRDRANGSGRRRFESVNWFLDLWGRGTQITVVSASTKGPSVFPLAPSSKSTSGGTAALGCLVKDY
FPEPVTVSWNSGALTSGVHTFPAVLQSSGLYSLSSVVTVPSSSLGTQTYICNVNHKPSNTKVDKRVEPK
;
H
4 'polypeptide(L)'
;QSALTQPRSVSASPGQSVTISCTGTHNYVSWCQQKPGQAPKLLIYDFNKRPSGVSDRFSGSTSGNTASLTISGLQADDEG
HYFCWAFENIGGGTKLTVLGQPKAAPSVTLFPPSSEELQANKATLVCLISDFYPGAVTVAWKADSSPVKAGVETTTPSKQ
SNNKYAASSYLSLTPEQWKSHRSYSCQVTHEGSTVEKTVAPTECS
;
L
#
loop_
_chem_comp.id
_chem_comp.type
_chem_comp.name
_chem_comp.formula
BMA D-saccharide, beta linking beta-D-mannopyranose 'C6 H12 O6'
MAN D-saccharide, alpha linking alpha-D-mannopyranose 'C6 H12 O6'
NAG D-saccharide, beta linking 2-acetamido-2-deoxy-beta-D-glucopyranose 'C8 H15 N O6'
#
# COMPACT_ATOMS: atom_id res chain seq x y z
N LEU A 4 -1.25 -53.14 -19.22
CA LEU A 4 -0.01 -53.05 -18.47
C LEU A 4 -0.28 -53.01 -16.97
N TRP A 5 0.51 -53.77 -16.21
CA TRP A 5 0.41 -53.91 -14.76
C TRP A 5 0.76 -52.59 -14.07
N VAL A 6 1.08 -52.62 -12.78
CA VAL A 6 1.61 -51.43 -12.12
C VAL A 6 2.88 -51.79 -11.35
N THR A 7 3.72 -50.77 -11.15
CA THR A 7 5.00 -50.91 -10.46
C THR A 7 5.45 -49.55 -9.98
N VAL A 8 5.78 -49.44 -8.70
CA VAL A 8 6.08 -48.16 -8.10
C VAL A 8 7.58 -48.03 -7.96
N TYR A 9 8.05 -46.81 -7.67
CA TYR A 9 9.46 -46.46 -7.63
C TYR A 9 9.72 -45.52 -6.46
N TYR A 10 10.72 -45.83 -5.65
CA TYR A 10 11.06 -45.07 -4.45
C TYR A 10 12.33 -44.26 -4.71
N GLY A 11 12.20 -42.93 -4.70
CA GLY A 11 13.31 -42.05 -5.01
C GLY A 11 13.10 -41.22 -6.25
N VAL A 12 11.84 -41.04 -6.66
CA VAL A 12 11.53 -40.48 -7.97
C VAL A 12 11.76 -38.97 -7.91
N PRO A 13 11.93 -38.30 -9.08
CA PRO A 13 12.16 -36.86 -9.11
C PRO A 13 10.85 -36.05 -9.20
N VAL A 14 10.09 -35.98 -8.09
CA VAL A 14 8.85 -35.22 -8.09
C VAL A 14 8.69 -34.52 -6.75
N TRP A 15 8.23 -33.27 -6.80
CA TRP A 15 8.05 -32.41 -5.65
C TRP A 15 6.88 -31.48 -5.96
N LYS A 16 6.57 -30.61 -5.00
CA LYS A 16 5.66 -29.52 -5.31
C LYS A 16 5.80 -28.41 -4.27
N ASP A 17 5.05 -27.33 -4.49
CA ASP A 17 4.97 -26.12 -3.68
C ASP A 17 4.64 -26.42 -2.23
N ALA A 18 5.65 -26.43 -1.36
CA ALA A 18 5.43 -26.56 0.07
C ALA A 18 6.46 -25.71 0.81
N GLU A 19 6.16 -25.44 2.08
CA GLU A 19 7.05 -24.62 2.89
C GLU A 19 7.07 -25.22 4.30
N THR A 20 8.28 -25.44 4.81
CA THR A 20 8.50 -26.13 6.08
C THR A 20 9.27 -25.23 7.04
N THR A 21 9.59 -25.79 8.20
CA THR A 21 10.54 -25.17 9.12
C THR A 21 11.95 -25.54 8.70
N LEU A 22 12.86 -24.60 8.88
CA LEU A 22 14.22 -24.74 8.41
C LEU A 22 15.17 -24.31 9.53
N PHE A 23 16.43 -24.70 9.42
CA PHE A 23 17.42 -24.40 10.43
C PHE A 23 18.63 -23.71 9.80
N CYS A 24 19.34 -22.95 10.63
CA CYS A 24 20.51 -22.19 10.23
C CYS A 24 21.72 -23.09 9.97
N ALA A 25 22.88 -22.45 9.78
CA ALA A 25 24.22 -23.07 9.78
C ALA A 25 25.27 -21.96 9.75
N SER A 26 26.21 -21.97 10.69
CA SER A 26 27.08 -20.81 10.92
C SER A 26 28.57 -21.15 10.85
N ASP A 27 28.92 -22.28 10.24
CA ASP A 27 30.30 -22.68 9.92
C ASP A 27 31.12 -22.78 11.21
N ALA A 28 32.44 -22.81 11.08
CA ALA A 28 33.36 -23.16 12.16
C ALA A 28 34.23 -22.00 12.64
N LYS A 29 34.93 -21.31 11.73
CA LYS A 29 35.83 -20.24 12.17
C LYS A 29 35.10 -19.15 12.95
N ALA A 30 33.77 -19.07 12.82
CA ALA A 30 32.99 -18.18 13.71
C ALA A 30 32.93 -18.73 15.12
N TYR A 31 32.96 -20.05 15.23
CA TYR A 31 32.83 -20.68 16.54
C TYR A 31 33.91 -20.29 17.53
N GLU A 32 35.14 -20.03 17.10
CA GLU A 32 36.19 -19.70 18.05
C GLU A 32 36.39 -18.19 18.13
N THR A 33 36.01 -17.60 19.28
CA THR A 33 36.42 -16.24 19.62
C THR A 33 36.27 -16.06 21.13
N GLU A 34 36.42 -17.20 21.83
CA GLU A 34 36.52 -17.24 23.28
C GLU A 34 35.28 -16.66 23.95
N LYS A 35 35.41 -15.40 24.41
CA LYS A 35 34.45 -14.52 25.07
C LYS A 35 32.95 -14.82 24.97
N HIS A 36 32.49 -16.04 25.28
CA HIS A 36 31.10 -16.28 25.66
C HIS A 36 29.99 -15.73 24.73
N ASN A 37 29.28 -16.64 24.04
CA ASN A 37 28.14 -16.26 23.22
C ASN A 37 28.59 -15.41 22.05
N VAL A 38 27.83 -15.40 20.96
CA VAL A 38 28.16 -14.51 19.86
C VAL A 38 26.83 -13.91 19.41
N TRP A 39 26.78 -13.34 18.21
CA TRP A 39 25.57 -12.86 17.53
C TRP A 39 24.24 -13.31 18.15
N ALA A 40 23.94 -14.59 18.02
CA ALA A 40 22.90 -15.26 18.80
C ALA A 40 22.94 -16.74 18.45
N THR A 41 23.65 -17.09 17.37
CA THR A 41 23.85 -18.48 17.00
C THR A 41 24.55 -19.25 18.12
N HIS A 42 23.78 -19.73 19.10
CA HIS A 42 24.36 -20.49 20.19
C HIS A 42 24.56 -21.97 19.82
N ALA A 43 23.54 -22.60 19.25
CA ALA A 43 23.59 -24.01 18.86
C ALA A 43 23.57 -24.19 17.34
N CYS A 44 23.73 -23.11 16.59
CA CYS A 44 23.79 -23.20 15.14
C CYS A 44 25.01 -24.02 14.74
N VAL A 45 24.78 -24.97 13.84
CA VAL A 45 25.71 -26.06 13.54
C VAL A 45 26.56 -25.66 12.35
N PRO A 46 27.84 -26.00 12.29
CA PRO A 46 28.68 -25.44 11.24
C PRO A 46 28.28 -25.92 9.84
N THR A 47 28.89 -25.26 8.86
CA THR A 47 28.56 -25.36 7.45
C THR A 47 29.26 -26.56 6.81
N ASP A 48 28.57 -27.21 5.87
CA ASP A 48 29.20 -28.15 4.98
C ASP A 48 30.40 -27.45 4.33
N PRO A 49 31.64 -27.88 4.64
CA PRO A 49 32.81 -27.16 4.12
C PRO A 49 33.04 -27.31 2.63
N ASN A 50 32.29 -28.18 1.95
CA ASN A 50 32.34 -28.29 0.51
C ASN A 50 31.03 -27.73 -0.10
N PRO A 51 31.10 -27.00 -1.23
CA PRO A 51 29.87 -26.71 -1.97
C PRO A 51 29.21 -27.99 -2.46
N GLN A 52 28.08 -28.35 -1.84
CA GLN A 52 27.29 -29.51 -2.24
C GLN A 52 26.04 -29.01 -2.96
N GLU A 53 26.10 -29.03 -4.30
CA GLU A 53 25.00 -28.59 -5.15
C GLU A 53 24.96 -29.52 -6.36
N ILE A 54 23.80 -29.59 -7.00
CA ILE A 54 23.63 -30.40 -8.21
C ILE A 54 22.96 -29.57 -9.28
N HIS A 55 23.66 -29.31 -10.39
CA HIS A 55 23.01 -28.64 -11.51
C HIS A 55 21.86 -29.52 -12.02
N LEU A 56 20.84 -28.88 -12.59
CA LEU A 56 19.67 -29.62 -13.08
C LEU A 56 19.50 -29.49 -14.58
N GLU A 57 19.20 -30.61 -15.24
CA GLU A 57 19.15 -30.73 -16.70
C GLU A 57 17.70 -30.68 -17.17
N ASN A 58 17.43 -29.81 -18.13
CA ASN A 58 16.11 -29.65 -18.77
C ASN A 58 14.98 -29.60 -17.73
N VAL A 59 15.16 -28.79 -16.71
CA VAL A 59 14.08 -28.52 -15.76
C VAL A 59 13.87 -27.03 -15.65
N THR A 60 12.60 -26.62 -15.65
CA THR A 60 12.23 -25.22 -15.45
C THR A 60 10.99 -25.21 -14.56
N GLU A 61 11.01 -24.45 -13.47
CA GLU A 61 9.78 -24.25 -12.72
C GLU A 61 9.84 -22.85 -12.13
N GLU A 62 8.74 -22.44 -11.51
CA GLU A 62 8.47 -21.02 -11.30
C GLU A 62 8.81 -20.61 -9.87
N PHE A 63 9.77 -19.69 -9.75
CA PHE A 63 10.06 -18.99 -8.52
C PHE A 63 9.16 -17.78 -8.40
N ASN A 64 8.69 -17.53 -7.19
CA ASN A 64 7.98 -16.29 -6.88
C ASN A 64 8.66 -15.75 -5.62
N MET A 65 9.34 -14.60 -5.77
CA MET A 65 10.11 -14.05 -4.66
C MET A 65 9.20 -13.38 -3.67
N TRP A 66 8.00 -12.97 -4.09
CA TRP A 66 7.08 -12.47 -3.06
C TRP A 66 6.18 -13.57 -2.48
N LYS A 67 5.69 -14.50 -3.28
CA LYS A 67 4.94 -15.60 -2.66
C LYS A 67 5.85 -16.57 -1.79
N ASN A 68 7.05 -16.11 -1.46
CA ASN A 68 8.05 -16.96 -0.82
C ASN A 68 7.75 -16.99 0.68
N ASN A 69 8.55 -17.70 1.45
CA ASN A 69 8.20 -17.92 2.85
C ASN A 69 9.46 -17.78 3.71
N MET A 70 10.56 -18.41 3.30
CA MET A 70 11.76 -18.44 4.14
C MET A 70 12.20 -17.02 4.52
N VAL A 71 11.82 -16.02 3.73
CA VAL A 71 11.92 -14.61 4.13
C VAL A 71 11.18 -14.35 5.45
N GLU A 72 9.91 -14.77 5.55
CA GLU A 72 9.18 -14.54 6.80
C GLU A 72 9.64 -15.47 7.91
N GLN A 73 10.09 -16.67 7.54
CA GLN A 73 10.78 -17.53 8.49
C GLN A 73 11.91 -16.75 9.16
N MET A 74 12.76 -16.08 8.38
CA MET A 74 13.97 -15.44 8.90
C MET A 74 13.52 -14.20 9.68
N HIS A 75 12.38 -13.64 9.28
CA HIS A 75 11.86 -12.45 9.96
C HIS A 75 11.38 -12.78 11.38
N THR A 76 10.49 -13.77 11.50
CA THR A 76 10.09 -14.25 12.81
C THR A 76 11.29 -14.73 13.62
N ASP A 77 12.24 -15.40 12.95
CA ASP A 77 13.46 -15.82 13.62
C ASP A 77 14.20 -14.64 14.24
N ILE A 78 14.36 -13.57 13.47
CA ILE A 78 15.21 -12.50 13.97
C ILE A 78 14.48 -11.65 15.00
N ILE A 79 13.17 -11.49 14.91
CA ILE A 79 12.55 -10.78 16.01
C ILE A 79 12.52 -11.67 17.26
N SER A 80 12.45 -12.99 17.06
CA SER A 80 12.52 -13.92 18.19
C SER A 80 13.85 -13.78 18.91
N LEU A 81 14.95 -13.85 18.17
CA LEU A 81 16.27 -13.71 18.79
C LEU A 81 16.56 -12.28 19.23
N TRP A 82 15.87 -11.31 18.65
CA TRP A 82 15.91 -9.94 19.16
C TRP A 82 15.41 -9.89 20.60
N ASP A 83 14.18 -10.37 20.80
CA ASP A 83 13.63 -10.57 22.15
C ASP A 83 14.63 -11.31 23.04
N GLN A 84 15.15 -12.43 22.53
CA GLN A 84 16.15 -13.24 23.24
C GLN A 84 17.34 -12.39 23.71
N SER A 85 18.21 -12.02 22.76
CA SER A 85 19.38 -11.16 22.94
C SER A 85 19.35 -10.33 24.20
N LEU A 86 18.33 -9.49 24.35
CA LEU A 86 18.22 -8.61 25.49
C LEU A 86 17.50 -9.21 26.69
N LYS A 87 16.73 -10.30 26.49
CA LYS A 87 15.86 -10.81 27.54
C LYS A 87 16.49 -10.80 28.94
N PRO A 88 17.71 -11.29 29.15
CA PRO A 88 18.31 -11.19 30.49
C PRO A 88 19.05 -9.89 30.73
N CYS A 89 19.19 -9.03 29.73
CA CYS A 89 20.01 -7.84 29.89
C CYS A 89 19.36 -6.87 30.88
N VAL A 90 20.10 -5.81 31.17
CA VAL A 90 19.83 -4.97 32.33
C VAL A 90 18.60 -4.11 32.07
N LYS A 91 17.71 -4.04 33.06
CA LYS A 91 16.54 -3.17 32.95
C LYS A 91 16.95 -1.71 33.14
N LEU A 92 15.97 -0.83 32.90
CA LEU A 92 16.23 0.61 32.93
C LEU A 92 15.11 1.40 33.59
N THR A 93 14.22 0.76 34.35
CA THR A 93 13.04 1.45 34.84
C THR A 93 13.34 2.74 35.64
N PRO A 94 14.52 2.91 36.30
CA PRO A 94 14.76 4.20 36.97
C PRO A 94 15.37 5.26 36.09
N LEU A 95 14.97 5.35 34.83
CA LEU A 95 15.47 6.40 33.96
C LEU A 95 14.38 7.37 33.52
N CYS A 96 13.16 6.88 33.39
CA CYS A 96 12.00 7.76 33.26
C CYS A 96 11.87 8.61 34.50
N VAL A 97 12.77 9.61 34.61
CA VAL A 97 12.96 10.50 35.74
C VAL A 97 13.17 11.90 35.17
N THR A 98 12.80 12.93 35.94
CA THR A 98 13.04 14.30 35.47
C THR A 98 14.54 14.53 35.28
N LEU A 99 14.86 15.47 34.39
CA LEU A 99 16.18 15.58 33.78
C LEU A 99 16.63 17.04 33.66
N GLN A 100 17.23 17.61 34.70
CA GLN A 100 17.77 18.96 34.58
C GLN A 100 18.97 18.95 33.63
N CYS A 101 18.83 19.63 32.49
CA CYS A 101 19.78 19.50 31.39
C CYS A 101 20.31 20.85 30.97
N THR A 102 21.05 20.84 29.87
CA THR A 102 21.59 22.01 29.20
C THR A 102 22.23 21.53 27.91
N ASN A 103 22.91 22.44 27.21
CA ASN A 103 23.58 22.07 25.98
C ASN A 103 25.07 21.80 26.19
N VAL A 104 25.92 22.44 25.37
CA VAL A 104 27.30 22.05 25.22
C VAL A 104 28.23 23.21 25.61
N THR A 105 29.51 22.87 25.83
CA THR A 105 30.58 23.82 26.12
C THR A 105 31.84 23.32 25.41
N ASN A 106 31.94 23.60 24.10
CA ASN A 106 33.17 23.38 23.37
C ASN A 106 32.99 24.01 21.98
N ASN A 107 34.12 24.39 21.37
CA ASN A 107 34.18 25.07 20.07
C ASN A 107 33.96 24.05 18.95
N ILE A 108 32.70 23.80 18.61
CA ILE A 108 32.37 22.69 17.71
C ILE A 108 31.36 23.09 16.63
N THR A 109 31.15 24.40 16.49
CA THR A 109 30.28 25.03 15.49
C THR A 109 28.80 24.77 15.73
N ASP A 110 27.92 25.55 15.10
CA ASP A 110 26.49 25.25 15.09
C ASP A 110 26.21 23.96 14.32
N ASP A 111 27.16 23.52 13.50
CA ASP A 111 27.06 22.22 12.82
C ASP A 111 26.86 21.10 13.83
N MET A 112 27.37 21.26 15.06
CA MET A 112 27.13 20.38 16.20
C MET A 112 26.60 21.12 17.41
N ARG A 113 25.93 22.24 17.17
CA ARG A 113 25.40 23.04 18.27
C ARG A 113 24.46 22.20 19.12
N GLY A 114 24.68 22.25 20.44
CA GLY A 114 23.82 21.58 21.40
C GLY A 114 23.54 20.16 20.98
N GLU A 115 22.32 19.94 20.46
CA GLU A 115 21.93 18.63 19.98
C GLU A 115 22.20 17.61 21.09
N LEU A 116 23.46 17.29 21.36
CA LEU A 116 23.78 16.55 22.59
C LEU A 116 23.45 17.41 23.82
N LYS A 117 23.05 16.74 24.90
CA LYS A 117 22.53 17.38 26.09
C LYS A 117 23.21 16.85 27.32
N ASN A 118 23.37 17.71 28.32
CA ASN A 118 24.14 17.41 29.52
C ASN A 118 23.19 17.39 30.71
N CYS A 119 22.41 16.32 30.83
CA CYS A 119 21.35 16.22 31.80
C CYS A 119 21.87 15.76 33.15
N SER A 120 21.14 16.14 34.20
CA SER A 120 21.56 15.84 35.55
C SER A 120 20.31 15.58 36.39
N PHE A 121 20.42 14.63 37.31
CA PHE A 121 19.22 14.00 37.88
C PHE A 121 19.63 13.03 38.98
N ASN A 122 18.63 12.64 39.78
CA ASN A 122 18.88 11.65 40.83
C ASN A 122 18.64 10.24 40.32
N MET A 123 18.96 9.27 41.16
CA MET A 123 18.99 7.88 40.75
C MET A 123 19.05 6.97 41.95
N THR A 124 18.52 5.77 41.76
CA THR A 124 18.74 4.70 42.72
C THR A 124 20.23 4.42 42.84
N THR A 125 20.66 4.15 44.06
CA THR A 125 22.03 3.70 44.33
C THR A 125 22.11 2.19 44.14
N GLU A 126 23.20 1.59 44.62
CA GLU A 126 23.21 0.15 44.82
C GLU A 126 22.13 -0.25 45.80
N LEU A 127 22.04 0.48 46.91
CA LEU A 127 21.04 0.23 47.95
C LEU A 127 19.69 0.82 47.53
N ARG A 128 18.72 0.82 48.44
CA ARG A 128 17.38 1.34 48.18
C ARG A 128 17.17 2.77 48.65
N ASP A 129 17.69 3.10 49.83
CA ASP A 129 17.58 4.41 50.46
C ASP A 129 18.15 5.56 49.66
N LYS A 130 19.47 5.62 49.56
CA LYS A 130 20.10 6.81 49.02
C LYS A 130 19.67 7.05 47.57
N LYS A 131 19.52 8.34 47.24
CA LYS A 131 19.42 8.80 45.87
C LYS A 131 20.82 8.96 45.29
N GLN A 132 20.92 9.42 44.05
CA GLN A 132 22.24 9.45 43.41
C GLN A 132 22.25 10.57 42.38
N LYS A 133 22.72 11.74 42.81
CA LYS A 133 22.82 12.86 41.90
C LYS A 133 23.92 12.57 40.88
N VAL A 134 23.56 12.57 39.60
CA VAL A 134 24.42 12.15 38.49
C VAL A 134 24.10 12.98 37.26
N TYR A 135 24.79 12.70 36.16
CA TYR A 135 24.65 13.49 34.94
C TYR A 135 25.20 12.70 33.76
N SER A 136 24.58 12.88 32.59
CA SER A 136 25.02 12.19 31.39
C SER A 136 24.62 12.99 30.15
N LEU A 137 25.18 12.57 29.01
CA LEU A 137 25.10 13.26 27.73
C LEU A 137 24.31 12.43 26.72
N PHE A 138 23.43 13.08 25.96
CA PHE A 138 22.47 12.38 25.12
C PHE A 138 22.21 13.09 23.80
N TYR A 139 21.94 12.30 22.76
CA TYR A 139 21.55 12.85 21.47
C TYR A 139 20.16 13.49 21.56
N ARG A 140 19.94 14.53 20.75
CA ARG A 140 18.74 15.36 20.89
C ARG A 140 17.47 14.55 20.77
N LEU A 141 17.51 13.43 20.04
CA LEU A 141 16.33 12.66 19.73
C LEU A 141 16.00 11.62 20.80
N ASP A 142 16.77 11.58 21.88
CA ASP A 142 16.48 10.71 23.01
C ASP A 142 15.65 11.42 24.07
N VAL A 143 15.45 12.73 23.93
CA VAL A 143 14.88 13.59 24.97
C VAL A 143 13.78 14.47 24.38
N VAL A 144 12.98 15.05 25.28
CA VAL A 144 11.80 15.83 24.91
C VAL A 144 11.48 16.81 26.04
N GLN A 145 11.08 18.03 25.67
CA GLN A 145 10.70 19.08 26.62
C GLN A 145 9.41 18.69 27.35
N ILE A 146 9.09 19.45 28.40
CA ILE A 146 7.82 19.28 29.10
C ILE A 146 7.30 20.59 29.70
N ASN A 147 6.70 21.43 28.87
CA ASN A 147 6.15 22.73 29.30
C ASN A 147 7.31 23.61 29.79
N SER A 157 10.69 27.53 34.18
CA SER A 157 11.50 26.32 34.36
C SER A 157 12.81 26.35 33.55
N ASN A 158 13.82 25.61 34.01
CA ASN A 158 15.10 25.62 33.33
C ASN A 158 15.03 24.66 32.15
N LYS A 159 15.56 23.46 32.31
CA LYS A 159 15.72 22.50 31.22
C LYS A 159 15.51 21.12 31.83
N GLU A 160 14.26 20.74 32.03
CA GLU A 160 13.95 19.37 32.44
C GLU A 160 13.26 18.70 31.26
N TYR A 161 13.77 17.51 30.92
CA TYR A 161 13.35 16.75 29.76
C TYR A 161 12.91 15.37 30.22
N ARG A 162 12.40 14.61 29.26
CA ARG A 162 11.97 13.23 29.42
C ARG A 162 12.60 12.42 28.31
N LEU A 163 12.80 11.14 28.55
CA LEU A 163 13.18 10.27 27.45
C LEU A 163 11.96 10.02 26.57
N ILE A 164 12.20 9.77 25.29
CA ILE A 164 11.10 9.71 24.32
C ILE A 164 10.17 8.56 24.65
N ASN A 165 10.72 7.49 25.21
CA ASN A 165 9.97 6.25 25.35
C ASN A 165 9.05 6.24 26.57
N CYS A 166 9.29 7.10 27.55
CA CYS A 166 8.70 6.91 28.87
C CYS A 166 7.20 7.13 28.91
N ASN A 167 6.59 7.59 27.82
CA ASN A 167 5.15 7.68 27.72
C ASN A 167 4.57 6.63 26.78
N THR A 168 5.35 5.59 26.46
CA THR A 168 4.95 4.64 25.43
C THR A 168 5.33 3.21 25.79
N SER A 169 6.52 3.05 26.35
CA SER A 169 7.21 1.77 26.28
C SER A 169 8.42 1.73 27.18
N ALA A 170 8.49 0.72 28.03
CA ALA A 170 9.67 0.51 28.87
C ALA A 170 10.88 0.21 27.99
N ILE A 171 12.04 0.09 28.60
CA ILE A 171 13.28 -0.04 27.86
C ILE A 171 14.27 -0.89 28.66
N THR A 172 14.94 -1.80 27.97
CA THR A 172 16.03 -2.55 28.56
C THR A 172 17.34 -2.14 27.90
N GLN A 173 18.41 -2.28 28.66
CA GLN A 173 19.75 -2.00 28.15
C GLN A 173 20.38 -3.28 27.64
N ALA A 174 20.82 -3.26 26.38
CA ALA A 174 21.53 -4.41 25.83
C ALA A 174 22.72 -4.78 26.71
N CYS A 175 22.90 -6.09 26.94
CA CYS A 175 24.14 -6.56 27.54
C CYS A 175 25.30 -6.08 26.69
N PRO A 176 26.29 -5.42 27.28
CA PRO A 176 27.39 -4.89 26.47
C PRO A 176 28.16 -5.98 25.76
N LYS A 177 28.13 -7.21 26.29
CA LYS A 177 28.87 -8.30 25.68
C LYS A 177 28.34 -8.65 24.30
N VAL A 178 27.09 -8.29 24.00
CA VAL A 178 26.55 -8.46 22.66
C VAL A 178 27.31 -7.54 21.69
N SER A 179 27.49 -7.99 20.45
CA SER A 179 28.04 -7.18 19.38
C SER A 179 27.12 -7.24 18.17
N PHE A 180 26.95 -6.09 17.51
CA PHE A 180 26.00 -5.99 16.40
C PHE A 180 26.70 -6.14 15.05
N GLU A 181 27.30 -7.31 14.86
CA GLU A 181 28.02 -7.60 13.63
C GLU A 181 27.26 -8.66 12.86
N PRO A 182 26.66 -8.35 11.72
CA PRO A 182 26.03 -9.40 10.93
C PRO A 182 27.07 -10.40 10.44
N ILE A 183 26.77 -11.68 10.59
CA ILE A 183 27.70 -12.76 10.30
C ILE A 183 27.05 -13.65 9.23
N PRO A 184 27.78 -14.11 8.21
CA PRO A 184 27.14 -14.97 7.20
C PRO A 184 26.55 -16.23 7.80
N ILE A 185 25.24 -16.38 7.59
CA ILE A 185 24.46 -17.51 8.07
C ILE A 185 24.03 -18.35 6.88
N HIS A 186 24.17 -19.67 6.99
CA HIS A 186 23.75 -20.62 5.97
C HIS A 186 22.42 -21.23 6.44
N TYR A 187 21.30 -20.79 5.87
CA TYR A 187 20.03 -21.46 6.15
C TYR A 187 19.98 -22.81 5.44
N CYS A 188 19.73 -23.88 6.19
CA CYS A 188 19.81 -25.24 5.68
C CYS A 188 18.54 -26.01 6.02
N ALA A 189 18.02 -26.74 5.06
CA ALA A 189 16.71 -27.34 5.14
C ALA A 189 16.79 -28.76 5.65
N PRO A 190 15.66 -29.38 5.97
CA PRO A 190 15.69 -30.82 6.20
C PRO A 190 15.54 -31.55 4.88
N ALA A 191 15.60 -32.87 4.96
CA ALA A 191 15.44 -33.71 3.79
C ALA A 191 13.96 -33.73 3.43
N GLY A 192 13.62 -34.44 2.35
CA GLY A 192 12.26 -34.41 1.81
C GLY A 192 11.91 -33.03 1.27
N PHE A 193 12.66 -32.03 1.73
CA PHE A 193 12.56 -30.65 1.28
C PHE A 193 13.86 -30.28 0.58
N ALA A 194 13.73 -29.63 -0.56
CA ALA A 194 14.87 -29.17 -1.33
C ALA A 194 14.74 -27.68 -1.59
N ILE A 195 15.86 -27.05 -1.93
CA ILE A 195 15.87 -25.66 -2.32
C ILE A 195 16.25 -25.60 -3.79
N LEU A 196 15.28 -25.24 -4.62
CA LEU A 196 15.58 -24.90 -6.00
C LEU A 196 16.26 -23.54 -6.03
N LYS A 197 17.38 -23.49 -6.74
CA LYS A 197 18.31 -22.37 -6.75
C LYS A 197 18.40 -21.83 -8.18
N CYS A 198 17.83 -20.66 -8.42
CA CYS A 198 17.85 -20.09 -9.76
C CYS A 198 19.27 -19.62 -10.10
N LYS A 199 19.75 -19.97 -11.32
CA LYS A 199 21.14 -19.64 -11.68
C LYS A 199 21.29 -18.84 -12.96
N ASP A 200 20.22 -18.22 -13.47
CA ASP A 200 20.47 -17.14 -14.42
C ASP A 200 20.74 -15.88 -13.61
N LYS A 201 21.22 -14.84 -14.29
CA LYS A 201 21.42 -13.56 -13.63
C LYS A 201 20.36 -12.54 -14.01
N LYS A 202 19.45 -12.95 -14.90
CA LYS A 202 18.35 -12.06 -15.37
C LYS A 202 17.01 -12.69 -14.99
N PHE A 203 16.62 -12.55 -13.71
CA PHE A 203 15.38 -13.13 -13.22
C PHE A 203 14.71 -12.05 -12.38
N ASN A 204 13.73 -11.35 -12.97
CA ASN A 204 13.10 -10.22 -12.31
C ASN A 204 12.24 -10.68 -11.13
N GLY A 205 12.69 -11.71 -10.41
CA GLY A 205 12.04 -12.20 -9.21
C GLY A 205 10.84 -13.09 -9.43
N THR A 206 10.16 -12.98 -10.55
CA THR A 206 8.92 -13.70 -10.79
C THR A 206 9.04 -14.56 -12.04
N GLY A 207 8.41 -15.72 -12.02
CA GLY A 207 8.33 -16.55 -13.21
C GLY A 207 9.22 -17.79 -13.12
N PRO A 208 9.17 -18.65 -14.15
CA PRO A 208 10.03 -19.84 -14.14
C PRO A 208 11.46 -19.49 -14.49
N CYS A 209 12.38 -20.19 -13.84
CA CYS A 209 13.81 -19.95 -14.07
C CYS A 209 14.42 -21.24 -14.60
N PRO A 210 14.87 -21.25 -15.86
CA PRO A 210 15.49 -22.45 -16.43
C PRO A 210 16.80 -22.85 -15.77
N SER A 211 17.77 -21.93 -15.71
CA SER A 211 19.10 -22.21 -15.19
C SER A 211 19.00 -22.39 -13.68
N VAL A 212 19.00 -23.65 -13.22
CA VAL A 212 18.78 -23.96 -11.80
C VAL A 212 19.68 -25.09 -11.30
N SER A 213 20.00 -25.00 -10.02
CA SER A 213 20.63 -26.05 -9.24
C SER A 213 19.68 -26.49 -8.13
N THR A 214 20.02 -27.60 -7.50
CA THR A 214 19.39 -28.04 -6.27
C THR A 214 20.42 -27.92 -5.15
N VAL A 215 19.95 -27.44 -4.01
CA VAL A 215 20.85 -27.09 -2.90
C VAL A 215 20.07 -27.27 -1.60
N GLN A 216 20.79 -27.41 -0.50
CA GLN A 216 20.21 -27.48 0.84
C GLN A 216 20.79 -26.45 1.78
N CYS A 217 22.10 -26.24 1.76
CA CYS A 217 22.76 -25.28 2.64
C CYS A 217 23.06 -24.02 1.84
N THR A 218 22.08 -23.11 1.83
CA THR A 218 22.20 -21.83 1.15
C THR A 218 23.44 -21.10 1.62
N HIS A 219 23.89 -20.12 0.84
CA HIS A 219 25.15 -19.46 1.13
C HIS A 219 25.10 -18.72 2.46
N GLY A 220 26.29 -18.34 2.95
CA GLY A 220 26.41 -17.53 4.13
C GLY A 220 25.89 -16.12 3.89
N ILE A 221 24.92 -15.69 4.70
CA ILE A 221 24.19 -14.46 4.49
C ILE A 221 24.30 -13.60 5.74
N LYS A 222 24.67 -12.34 5.57
CA LYS A 222 24.63 -11.37 6.65
C LYS A 222 23.30 -10.64 6.62
N PRO A 223 22.52 -10.62 7.72
CA PRO A 223 21.22 -9.93 7.76
C PRO A 223 21.40 -8.44 8.01
N VAL A 224 21.89 -7.73 6.99
CA VAL A 224 22.23 -6.33 7.15
C VAL A 224 20.98 -5.52 7.49
N VAL A 225 21.16 -4.54 8.38
CA VAL A 225 20.05 -3.77 8.94
C VAL A 225 20.21 -2.33 8.48
N SER A 226 19.33 -1.91 7.56
CA SER A 226 19.40 -0.57 6.99
C SER A 226 18.07 -0.28 6.29
N THR A 227 17.76 1.00 6.17
CA THR A 227 16.65 1.47 5.35
C THR A 227 17.17 2.23 4.14
N GLN A 228 16.33 2.27 3.09
CA GLN A 228 16.65 2.82 1.79
C GLN A 228 17.89 2.17 1.18
N LEU A 229 19.00 2.19 1.91
CA LEU A 229 20.27 1.67 1.40
C LEU A 229 20.44 0.23 1.84
N LEU A 230 20.94 -0.59 0.92
CA LEU A 230 21.18 -2.00 1.14
C LEU A 230 22.68 -2.22 1.22
N LEU A 231 23.14 -2.86 2.28
CA LEU A 231 24.55 -2.87 2.61
C LEU A 231 25.11 -4.30 2.56
N ASN A 232 26.39 -4.40 2.20
CA ASN A 232 27.16 -5.64 2.17
C ASN A 232 26.43 -6.80 1.50
N GLY A 233 25.39 -6.52 0.73
CA GLY A 233 24.58 -7.56 0.16
C GLY A 233 25.24 -8.26 -1.01
N SER A 234 24.41 -8.99 -1.74
CA SER A 234 24.90 -9.77 -2.87
C SER A 234 24.99 -8.91 -4.11
N LEU A 235 25.87 -9.31 -5.02
CA LEU A 235 26.02 -8.62 -6.28
C LEU A 235 24.94 -9.08 -7.26
N ALA A 236 24.57 -8.21 -8.19
CA ALA A 236 24.07 -8.69 -9.47
C ALA A 236 25.28 -8.95 -10.37
N GLU A 237 24.99 -9.47 -11.57
CA GLU A 237 26.01 -9.64 -12.60
C GLU A 237 25.42 -9.28 -13.97
N GLU A 238 26.26 -8.64 -14.79
CA GLU A 238 25.95 -7.93 -16.03
C GLU A 238 24.51 -7.44 -16.26
N GLU A 239 24.33 -6.10 -16.32
CA GLU A 239 23.05 -5.41 -16.32
C GLU A 239 22.45 -5.47 -14.92
N VAL A 240 22.57 -4.38 -14.15
CA VAL A 240 22.02 -4.36 -12.78
C VAL A 240 20.53 -4.65 -12.77
N MET A 241 20.08 -5.31 -11.70
CA MET A 241 18.73 -5.88 -11.71
C MET A 241 17.78 -5.12 -10.79
N ILE A 242 16.50 -5.19 -11.16
CA ILE A 242 15.43 -4.46 -10.49
C ILE A 242 14.23 -5.39 -10.42
N ARG A 243 13.45 -5.30 -9.34
CA ARG A 243 12.36 -6.24 -9.11
C ARG A 243 11.18 -5.54 -8.43
N SER A 244 9.97 -5.84 -8.93
CA SER A 244 8.72 -5.38 -8.34
C SER A 244 7.64 -6.43 -8.54
N GLU A 245 6.78 -6.58 -7.52
CA GLU A 245 5.71 -7.57 -7.62
C GLU A 245 4.76 -7.20 -8.76
N ASN A 246 4.64 -5.91 -9.03
CA ASN A 246 3.96 -5.38 -10.21
C ASN A 246 4.17 -3.87 -10.22
N ILE A 247 5.27 -3.38 -10.81
CA ILE A 247 5.69 -2.01 -10.57
C ILE A 247 4.62 -0.99 -10.98
N THR A 248 3.78 -1.33 -11.95
CA THR A 248 2.67 -0.44 -12.32
C THR A 248 1.88 -0.02 -11.08
N ASN A 249 1.64 -0.97 -10.17
CA ASN A 249 1.41 -0.67 -8.76
C ASN A 249 2.58 0.14 -8.19
N ASN A 250 2.45 1.47 -8.21
CA ASN A 250 3.49 2.33 -7.64
C ASN A 250 3.73 1.97 -6.17
N ALA A 251 2.66 1.72 -5.42
CA ALA A 251 2.77 1.41 -4.00
C ALA A 251 3.66 0.19 -3.75
N LYS A 252 3.68 -0.78 -4.67
CA LYS A 252 4.68 -1.83 -4.53
C LYS A 252 6.04 -1.18 -4.57
N ASN A 253 6.71 -1.15 -3.43
CA ASN A 253 8.10 -0.74 -3.35
C ASN A 253 8.90 -1.51 -4.37
N ILE A 254 9.94 -0.85 -4.89
CA ILE A 254 10.84 -1.42 -5.89
C ILE A 254 12.14 -1.78 -5.20
N LEU A 255 12.64 -2.99 -5.44
CA LEU A 255 13.89 -3.39 -4.83
C LEU A 255 14.90 -3.60 -5.96
N VAL A 256 16.09 -3.02 -5.80
CA VAL A 256 17.11 -3.09 -6.84
C VAL A 256 18.38 -3.68 -6.26
N GLN A 257 19.08 -4.48 -7.09
CA GLN A 257 20.35 -5.11 -6.74
C GLN A 257 21.41 -4.68 -7.74
N PHE A 258 22.59 -4.34 -7.21
CA PHE A 258 23.69 -3.83 -8.02
C PHE A 258 24.56 -4.96 -8.53
N ASN A 259 25.07 -4.80 -9.76
CA ASN A 259 26.24 -5.56 -10.12
C ASN A 259 27.52 -4.90 -9.64
N THR A 260 27.43 -3.70 -9.08
CA THR A 260 28.59 -2.87 -8.78
C THR A 260 28.59 -2.55 -7.30
N PRO A 261 29.70 -2.82 -6.58
CA PRO A 261 29.76 -2.43 -5.17
C PRO A 261 29.98 -0.93 -5.03
N VAL A 262 29.16 -0.29 -4.20
CA VAL A 262 29.35 1.13 -3.90
C VAL A 262 30.18 1.26 -2.62
N GLN A 263 31.35 1.86 -2.74
CA GLN A 263 32.17 2.19 -1.59
C GLN A 263 31.41 3.16 -0.70
N ILE A 264 31.35 2.86 0.60
CA ILE A 264 30.83 3.83 1.56
C ILE A 264 31.64 3.75 2.85
N ASN A 265 32.04 4.91 3.37
CA ASN A 265 32.80 5.01 4.61
C ASN A 265 32.02 5.87 5.59
N CYS A 266 31.53 5.29 6.66
CA CYS A 266 30.84 6.05 7.68
C CYS A 266 31.74 6.22 8.91
N THR A 267 31.49 7.30 9.65
CA THR A 267 32.33 7.67 10.80
C THR A 267 31.51 8.45 11.81
N ARG A 268 31.47 7.97 13.04
CA ARG A 268 31.12 8.82 14.16
C ARG A 268 32.40 9.34 14.79
N PRO A 269 32.73 10.63 14.63
CA PRO A 269 34.13 11.08 14.72
C PRO A 269 34.48 11.69 16.06
N ASN A 270 33.94 11.17 17.15
CA ASN A 270 34.24 11.73 18.47
C ASN A 270 34.67 10.62 19.40
N ASN A 271 35.61 10.95 20.28
CA ASN A 271 36.16 10.02 21.25
C ASN A 271 35.33 10.10 22.52
N ASN A 272 34.47 9.10 22.74
CA ASN A 272 33.56 9.08 23.86
C ASN A 272 34.23 8.51 25.12
N THR A 273 33.51 8.53 26.23
CA THR A 273 33.92 7.93 27.50
C THR A 273 32.70 7.33 28.20
N ARG A 274 32.89 6.20 28.86
CA ARG A 274 31.78 5.42 29.39
C ARG A 274 31.75 5.48 30.91
N LYS A 275 30.54 5.38 31.46
CA LYS A 275 30.27 5.48 32.89
C LYS A 275 29.58 4.20 33.35
N SER A 276 30.28 3.35 34.11
CA SER A 276 29.60 2.22 34.77
C SER A 276 28.92 2.78 36.01
N ILE A 277 27.79 3.47 35.77
CA ILE A 277 26.91 3.88 36.85
C ILE A 277 26.50 2.65 37.65
N ARG A 278 26.33 2.82 38.95
CA ARG A 278 26.04 1.68 39.82
C ARG A 278 24.65 1.87 40.40
N ILE A 279 23.65 1.36 39.67
CA ILE A 279 22.26 1.34 40.14
C ILE A 279 21.98 -0.04 40.72
N GLY A 280 22.99 -0.55 41.43
CA GLY A 280 23.07 -1.94 41.84
C GLY A 280 21.93 -2.43 42.72
N PRO A 281 22.07 -3.66 43.22
CA PRO A 281 23.18 -4.57 42.95
C PRO A 281 23.17 -5.08 41.53
N GLY A 282 24.23 -5.80 41.13
CA GLY A 282 24.25 -6.45 39.84
C GLY A 282 24.09 -5.50 38.69
N GLN A 283 22.85 -5.12 38.41
CA GLN A 283 22.53 -4.22 37.30
C GLN A 283 23.33 -2.94 37.34
N ALA A 284 24.28 -2.82 36.42
CA ALA A 284 25.11 -1.65 36.26
C ALA A 284 24.71 -0.92 34.98
N PHE A 285 24.55 0.40 35.10
CA PHE A 285 24.20 1.24 33.98
C PHE A 285 25.46 1.69 33.26
N TYR A 286 25.30 2.08 31.99
CA TYR A 286 26.43 2.53 31.17
C TYR A 286 26.04 3.83 30.48
N ALA A 287 26.61 4.93 30.96
CA ALA A 287 26.28 6.28 30.54
C ALA A 287 27.38 6.87 29.68
N THR A 288 27.02 7.95 28.99
CA THR A 288 28.01 8.77 28.29
C THR A 288 28.75 9.67 29.27
N GLY A 289 30.06 9.78 29.09
CA GLY A 289 30.87 10.73 29.82
C GLY A 289 31.13 11.94 28.97
N ASP A 290 32.07 12.77 29.41
CA ASP A 290 32.41 13.89 28.54
C ASP A 290 33.34 13.40 27.42
N ILE A 291 33.35 14.17 26.33
CA ILE A 291 33.98 13.74 25.08
C ILE A 291 35.42 14.23 25.03
N ILE A 292 36.27 13.46 24.36
CA ILE A 292 37.66 13.83 24.17
C ILE A 292 37.76 14.83 23.03
N GLY A 293 38.34 15.99 23.31
CA GLY A 293 38.67 17.01 22.34
C GLY A 293 37.46 17.55 21.59
N ASP A 294 37.67 17.77 20.30
CA ASP A 294 36.68 18.40 19.44
C ASP A 294 35.47 17.46 19.31
N ILE A 295 34.37 18.00 18.76
CA ILE A 295 33.15 17.26 18.51
C ILE A 295 32.71 17.53 17.08
N ARG A 296 32.45 16.47 16.32
CA ARG A 296 32.00 16.56 14.94
C ARG A 296 30.91 15.51 14.71
N GLN A 297 30.01 15.80 13.77
CA GLN A 297 28.90 14.90 13.54
C GLN A 297 29.34 13.67 12.77
N ALA A 298 28.74 12.54 13.13
CA ALA A 298 28.84 11.36 12.31
C ALA A 298 28.35 11.66 10.90
N HIS A 299 28.87 10.91 9.96
CA HIS A 299 28.49 11.10 8.57
C HIS A 299 29.05 9.94 7.77
N CYS A 300 28.96 10.05 6.45
CA CYS A 300 29.47 9.03 5.54
C CYS A 300 29.97 9.72 4.27
N ASN A 301 30.95 9.09 3.65
CA ASN A 301 31.53 9.54 2.39
C ASN A 301 31.39 8.44 1.35
N VAL A 302 31.23 8.85 0.10
CA VAL A 302 31.03 7.91 -1.00
C VAL A 302 31.68 8.48 -2.25
N SER A 303 32.26 7.59 -3.05
CA SER A 303 32.94 7.97 -4.29
C SER A 303 31.95 8.56 -5.29
N LYS A 304 32.12 9.86 -5.58
CA LYS A 304 31.22 10.61 -6.47
C LYS A 304 30.96 9.94 -7.80
N ALA A 305 32.00 9.72 -8.58
CA ALA A 305 31.78 9.27 -9.96
C ALA A 305 31.27 7.83 -10.01
N THR A 306 31.64 6.98 -9.04
CA THR A 306 31.06 5.64 -9.01
C THR A 306 29.57 5.70 -8.75
N TRP A 307 29.17 6.59 -7.85
CA TRP A 307 27.76 6.89 -7.64
C TRP A 307 27.08 7.33 -8.93
N ASN A 308 27.67 8.33 -9.58
CA ASN A 308 27.24 8.81 -10.88
C ASN A 308 26.98 7.67 -11.87
N GLU A 309 27.99 6.80 -12.05
CA GLU A 309 27.91 5.77 -13.09
C GLU A 309 26.96 4.64 -12.72
N THR A 310 26.81 4.34 -11.41
CA THR A 310 25.82 3.34 -10.99
C THR A 310 24.41 3.87 -11.20
N LEU A 311 24.14 5.12 -10.83
CA LEU A 311 22.82 5.67 -11.10
C LEU A 311 22.59 5.85 -12.60
N GLY A 312 23.66 6.04 -13.37
CA GLY A 312 23.56 5.92 -14.79
C GLY A 312 23.02 4.56 -15.17
N LYS A 313 23.83 3.50 -14.98
CA LYS A 313 23.43 2.16 -15.43
C LYS A 313 22.02 1.81 -14.94
N VAL A 314 21.64 2.27 -13.75
CA VAL A 314 20.24 2.18 -13.30
C VAL A 314 19.27 2.87 -14.27
N VAL A 315 19.38 4.20 -14.40
CA VAL A 315 18.42 4.96 -15.19
C VAL A 315 18.39 4.44 -16.63
N LYS A 316 19.51 3.88 -17.09
CA LYS A 316 19.51 3.08 -18.31
C LYS A 316 18.60 1.86 -18.14
N GLN A 317 18.73 1.16 -17.00
CA GLN A 317 18.02 -0.09 -16.74
C GLN A 317 16.57 0.12 -16.35
N LEU A 318 16.01 1.32 -16.44
CA LEU A 318 14.61 1.45 -16.06
C LEU A 318 13.68 1.83 -17.21
N ARG A 319 14.07 2.77 -18.08
CA ARG A 319 13.15 3.29 -19.10
C ARG A 319 12.62 2.21 -20.02
N LYS A 320 13.24 1.04 -20.06
CA LYS A 320 12.68 -0.15 -20.68
C LYS A 320 11.21 -0.37 -20.30
N HIS A 321 10.87 -0.13 -19.02
CA HIS A 321 9.50 -0.26 -18.55
C HIS A 321 8.70 0.99 -18.81
N PHE A 322 9.36 2.13 -18.93
CA PHE A 322 8.73 3.45 -18.95
C PHE A 322 9.11 4.24 -20.20
N GLY A 323 9.32 3.55 -21.31
CA GLY A 323 9.66 4.19 -22.57
C GLY A 323 11.09 4.71 -22.63
N ASN A 324 11.85 4.30 -23.65
CA ASN A 324 13.26 4.65 -23.79
C ASN A 324 13.56 6.13 -23.56
N ASN A 325 12.53 6.97 -23.65
CA ASN A 325 12.60 8.39 -23.30
C ASN A 325 11.46 8.77 -22.37
N THR A 326 11.76 8.94 -21.10
CA THR A 326 10.80 9.43 -20.13
C THR A 326 11.55 10.34 -19.15
N ILE A 327 10.80 11.20 -18.48
CA ILE A 327 11.39 12.17 -17.57
C ILE A 327 11.60 11.45 -16.24
N ILE A 328 12.83 11.41 -15.75
CA ILE A 328 13.12 10.78 -14.48
C ILE A 328 13.48 11.88 -13.49
N ARG A 329 13.16 11.66 -12.22
CA ARG A 329 13.61 12.59 -11.20
C ARG A 329 13.62 11.85 -9.86
N PHE A 330 14.56 12.22 -9.01
CA PHE A 330 14.68 11.65 -7.68
C PHE A 330 14.49 12.77 -6.66
N ALA A 331 14.31 12.39 -5.41
CA ALA A 331 14.15 13.40 -4.38
C ALA A 331 14.36 12.77 -3.01
N ASN A 332 14.47 13.64 -2.02
CA ASN A 332 14.45 13.20 -0.64
C ASN A 332 13.06 12.69 -0.28
N SER A 333 12.97 11.98 0.84
CA SER A 333 11.83 11.13 1.14
C SER A 333 10.52 11.91 1.17
N SER A 334 9.42 11.15 1.19
CA SER A 334 8.07 11.68 1.31
C SER A 334 7.68 11.94 2.75
N GLY A 335 8.64 12.03 3.66
CA GLY A 335 8.34 12.23 5.06
C GLY A 335 7.89 10.98 5.77
N GLY A 336 8.77 10.40 6.57
CA GLY A 336 8.40 9.27 7.41
C GLY A 336 9.09 9.37 8.76
N ASP A 337 8.90 8.34 9.57
CA ASP A 337 9.65 8.23 10.81
C ASP A 337 11.14 8.20 10.49
N LEU A 338 11.95 8.54 11.51
CA LEU A 338 13.37 8.71 11.29
C LEU A 338 14.02 7.46 10.71
N GLU A 339 13.44 6.30 10.97
CA GLU A 339 13.93 5.05 10.38
C GLU A 339 13.78 5.06 8.86
N VAL A 340 12.62 5.48 8.35
CA VAL A 340 12.37 5.45 6.91
C VAL A 340 12.74 6.76 6.20
N THR A 341 12.68 7.89 6.89
CA THR A 341 13.02 9.16 6.25
C THR A 341 14.51 9.32 6.03
N THR A 342 15.35 8.54 6.70
CA THR A 342 16.79 8.58 6.54
C THR A 342 17.32 7.18 6.34
N HIS A 343 18.59 7.11 5.93
CA HIS A 343 19.29 5.83 5.98
C HIS A 343 19.51 5.46 7.43
N SER A 344 18.55 4.77 8.03
CA SER A 344 18.80 4.20 9.34
C SER A 344 19.69 2.98 9.18
N PHE A 345 20.57 2.78 10.15
CA PHE A 345 21.32 1.52 10.24
C PHE A 345 22.14 1.49 11.52
N ASN A 346 22.87 0.42 11.70
CA ASN A 346 23.80 0.25 12.80
C ASN A 346 25.18 0.24 12.16
N CYS A 347 26.16 0.87 12.80
CA CYS A 347 27.51 0.40 12.61
C CYS A 347 28.15 0.35 13.97
N GLY A 348 29.13 -0.54 14.09
CA GLY A 348 29.87 -0.77 15.32
C GLY A 348 29.07 -0.62 16.60
N GLY A 349 27.90 -1.23 16.66
CA GLY A 349 27.07 -1.08 17.84
C GLY A 349 26.09 0.09 17.77
N GLU A 350 26.59 1.32 17.58
CA GLU A 350 25.66 2.43 17.66
C GLU A 350 24.93 2.64 16.35
N PHE A 351 23.92 3.52 16.40
CA PHE A 351 22.88 3.55 15.41
C PHE A 351 22.84 4.91 14.74
N PHE A 352 23.02 4.90 13.43
CA PHE A 352 23.05 6.08 12.58
C PHE A 352 21.72 6.27 11.85
N TYR A 353 21.44 7.52 11.54
CA TYR A 353 20.38 7.93 10.61
C TYR A 353 20.99 8.98 9.68
N CYS A 354 21.18 8.62 8.42
CA CYS A 354 21.88 9.44 7.47
C CYS A 354 20.90 10.23 6.61
N ASN A 355 21.17 11.52 6.45
CA ASN A 355 20.33 12.41 5.66
C ASN A 355 20.62 12.12 4.19
N THR A 356 19.96 11.08 3.66
CA THR A 356 20.11 10.71 2.26
C THR A 356 19.51 11.74 1.30
N SER A 357 19.12 12.91 1.81
CA SER A 357 18.60 13.97 0.96
C SER A 357 19.57 14.33 -0.15
N GLY A 358 20.87 14.35 0.16
CA GLY A 358 21.83 14.95 -0.74
C GLY A 358 22.03 14.16 -2.03
N LEU A 359 21.83 12.83 -1.99
CA LEU A 359 22.12 11.94 -3.12
C LEU A 359 20.94 11.76 -4.10
N PHE A 360 19.81 12.49 -3.96
CA PHE A 360 18.70 12.34 -4.92
C PHE A 360 18.23 13.62 -5.62
N ASN A 361 18.70 14.80 -5.25
CA ASN A 361 18.17 16.00 -5.92
C ASN A 361 18.72 16.02 -7.35
N SER A 362 18.08 15.25 -8.23
CA SER A 362 18.57 15.07 -9.58
C SER A 362 17.40 14.74 -10.51
N THR A 363 17.59 15.04 -11.79
CA THR A 363 16.62 14.72 -12.82
C THR A 363 17.36 14.04 -13.95
N TRP A 364 16.81 12.95 -14.47
CA TRP A 364 17.50 12.21 -15.51
C TRP A 364 16.74 12.17 -16.82
N ILE A 365 17.55 12.35 -17.86
CA ILE A 365 17.22 12.45 -19.27
C ILE A 365 17.17 11.05 -19.88
N SER A 366 17.68 10.88 -21.10
CA SER A 366 17.67 9.58 -21.75
C SER A 366 19.07 8.96 -21.76
N ASN A 367 19.36 8.20 -22.81
CA ASN A 367 20.66 7.59 -23.03
C ASN A 367 21.72 8.60 -23.45
N ASN A 379 36.07 18.05 -8.09
CA ASN A 379 35.65 16.71 -7.72
C ASN A 379 36.24 16.34 -6.37
N ASP A 380 35.36 16.10 -5.40
CA ASP A 380 35.75 15.69 -4.06
C ASP A 380 35.29 14.26 -3.80
N SER A 381 34.46 14.09 -2.78
CA SER A 381 33.61 12.91 -2.62
C SER A 381 32.47 13.26 -1.69
N ILE A 382 31.35 12.55 -1.83
CA ILE A 382 30.10 12.97 -1.21
C ILE A 382 30.15 12.70 0.30
N THR A 383 29.78 13.71 1.08
CA THR A 383 29.80 13.66 2.56
C THR A 383 28.38 13.91 3.05
N LEU A 384 27.63 12.84 3.22
CA LEU A 384 26.33 13.20 3.80
C LEU A 384 26.31 12.93 5.31
N PRO A 385 25.76 13.82 6.13
CA PRO A 385 25.79 13.59 7.58
C PRO A 385 24.68 12.70 8.13
N CYS A 386 25.03 12.02 9.23
CA CYS A 386 24.13 11.14 9.96
C CYS A 386 24.12 11.55 11.42
N ARG A 387 22.97 11.41 12.06
CA ARG A 387 22.84 11.65 13.50
C ARG A 387 22.56 10.33 14.21
N ILE A 388 23.08 10.23 15.42
CA ILE A 388 23.13 8.97 16.15
C ILE A 388 21.98 8.96 17.12
N LYS A 389 21.34 7.81 17.28
CA LYS A 389 20.31 7.66 18.29
C LYS A 389 20.57 6.35 19.03
N GLN A 390 20.16 6.31 20.30
CA GLN A 390 20.42 5.15 21.13
C GLN A 390 19.17 4.41 21.56
N ILE A 391 17.98 4.88 21.16
CA ILE A 391 16.72 4.40 21.70
C ILE A 391 15.89 3.87 20.54
N ILE A 392 15.87 2.55 20.36
CA ILE A 392 15.06 1.97 19.30
C ILE A 392 14.06 1.01 19.92
N ASN A 393 13.02 0.73 19.15
CA ASN A 393 12.01 -0.25 19.53
C ASN A 393 11.58 -1.03 18.26
N MET A 394 12.57 -1.37 17.44
CA MET A 394 12.41 -1.58 16.01
C MET A 394 11.39 -2.68 15.67
N TRP A 395 11.02 -2.71 14.39
CA TRP A 395 9.95 -3.57 13.88
C TRP A 395 8.62 -3.24 14.53
N GLN A 396 8.42 -1.95 14.84
CA GLN A 396 7.21 -1.45 15.48
C GLN A 396 6.93 -2.18 16.79
N ARG A 397 7.76 -3.18 17.09
CA ARG A 397 7.80 -3.84 18.38
C ARG A 397 7.99 -2.81 19.48
N ILE A 398 6.95 -2.02 19.73
CA ILE A 398 6.93 -1.18 20.92
C ILE A 398 6.45 -2.05 22.06
N GLY A 399 6.32 -1.47 23.25
CA GLY A 399 6.23 -2.21 24.48
C GLY A 399 7.59 -2.53 25.08
N GLN A 400 8.62 -2.60 24.24
CA GLN A 400 10.01 -2.68 24.69
C GLN A 400 10.87 -1.82 23.77
N ALA A 401 11.80 -1.10 24.37
CA ALA A 401 12.82 -0.36 23.65
C ALA A 401 14.19 -0.88 24.07
N MET A 402 15.19 -0.63 23.23
CA MET A 402 16.56 -1.02 23.52
C MET A 402 17.38 0.24 23.71
N TYR A 403 18.10 0.32 24.81
CA TYR A 403 19.10 1.37 24.96
C TYR A 403 20.37 0.92 24.26
N ALA A 404 20.75 1.64 23.22
CA ALA A 404 22.03 1.39 22.57
C ALA A 404 23.13 1.96 23.44
N PRO A 405 23.95 1.13 24.10
CA PRO A 405 24.96 1.66 25.01
C PRO A 405 26.05 2.42 24.28
N PRO A 406 26.81 3.24 24.99
CA PRO A 406 27.84 4.07 24.34
C PRO A 406 29.05 3.24 23.98
N ILE A 407 29.90 3.82 23.12
CA ILE A 407 31.21 3.26 22.82
C ILE A 407 32.25 4.38 22.87
N GLN A 408 33.27 4.20 23.70
CA GLN A 408 34.37 5.15 23.75
C GLN A 408 35.20 5.07 22.47
N GLY A 409 36.09 6.04 22.30
CA GLY A 409 36.80 6.13 21.05
C GLY A 409 35.85 6.60 19.95
N VAL A 410 36.34 6.48 18.72
CA VAL A 410 35.59 6.88 17.54
C VAL A 410 35.14 5.61 16.79
N ILE A 411 34.22 5.79 15.83
CA ILE A 411 33.69 4.67 15.07
C ILE A 411 33.88 4.94 13.58
N ARG A 412 34.43 3.95 12.87
CA ARG A 412 34.54 4.02 11.42
C ARG A 412 34.14 2.68 10.80
N CYS A 413 33.63 2.76 9.58
CA CYS A 413 32.73 1.75 9.07
C CYS A 413 32.94 1.64 7.57
N VAL A 414 33.52 0.55 7.11
CA VAL A 414 33.61 0.27 5.67
C VAL A 414 32.40 -0.54 5.27
N SER A 415 31.77 -0.16 4.16
CA SER A 415 30.61 -0.92 3.74
C SER A 415 30.50 -0.87 2.22
N ASN A 416 29.88 -1.91 1.69
CA ASN A 416 29.47 -1.95 0.30
C ASN A 416 27.98 -1.71 0.24
N ILE A 417 27.55 -0.92 -0.74
CA ILE A 417 26.14 -0.73 -1.02
C ILE A 417 25.83 -1.52 -2.29
N THR A 418 24.78 -2.34 -2.22
CA THR A 418 24.49 -3.30 -3.27
C THR A 418 23.04 -3.27 -3.76
N GLY A 419 22.16 -2.53 -3.10
CA GLY A 419 20.78 -2.44 -3.57
C GLY A 419 20.10 -1.26 -2.93
N LEU A 420 18.84 -1.07 -3.32
CA LEU A 420 18.05 0.06 -2.84
C LEU A 420 16.55 -0.24 -2.85
N ILE A 421 15.83 0.45 -1.96
CA ILE A 421 14.37 0.33 -1.84
C ILE A 421 13.79 1.67 -2.27
N LEU A 422 12.85 1.65 -3.21
CA LEU A 422 12.39 2.91 -3.80
C LEU A 422 10.87 2.95 -3.98
N THR A 423 10.38 4.16 -4.18
CA THR A 423 8.98 4.51 -4.33
C THR A 423 8.81 5.29 -5.61
N ARG A 424 7.82 4.90 -6.43
CA ARG A 424 7.51 5.59 -7.66
C ARG A 424 6.35 6.55 -7.45
N ASP A 425 6.50 7.77 -7.92
CA ASP A 425 5.43 8.75 -7.79
C ASP A 425 4.34 8.40 -8.80
N GLY A 426 3.08 8.67 -8.43
CA GLY A 426 1.98 8.23 -9.28
C GLY A 426 1.45 9.25 -10.27
N GLY A 427 2.32 10.17 -10.71
CA GLY A 427 1.97 11.25 -11.62
C GLY A 427 1.04 10.88 -12.75
N SER A 428 -0.25 10.86 -12.44
CA SER A 428 -1.29 10.42 -13.35
C SER A 428 -1.24 11.16 -14.68
N THR A 429 -0.56 10.57 -15.65
CA THR A 429 -0.52 11.14 -16.99
C THR A 429 -0.79 10.03 -17.99
N ASN A 430 0.27 9.49 -18.61
CA ASN A 430 0.27 8.33 -19.50
C ASN A 430 1.59 7.60 -19.42
N SER A 431 2.69 8.36 -19.55
CA SER A 431 4.07 7.94 -19.33
C SER A 431 4.91 9.20 -19.45
N THR A 432 4.37 10.31 -18.95
CA THR A 432 5.01 11.62 -19.06
C THR A 432 6.24 11.64 -18.17
N THR A 433 6.06 12.01 -16.90
CA THR A 433 7.14 12.19 -15.95
C THR A 433 6.94 11.21 -14.81
N GLU A 434 7.99 10.45 -14.48
CA GLU A 434 7.92 9.54 -13.34
C GLU A 434 9.14 9.74 -12.46
N THR A 435 8.90 9.82 -11.15
CA THR A 435 9.92 10.26 -10.22
C THR A 435 9.97 9.32 -9.02
N PHE A 436 11.16 9.11 -8.49
CA PHE A 436 11.40 8.07 -7.50
C PHE A 436 12.01 8.67 -6.24
N ARG A 437 11.85 7.96 -5.14
CA ARG A 437 12.45 8.33 -3.87
C ARG A 437 12.84 7.06 -3.10
N PRO A 438 13.78 7.16 -2.17
CA PRO A 438 14.15 5.96 -1.39
C PRO A 438 13.03 5.50 -0.48
N GLY A 439 12.41 4.37 -0.80
CA GLY A 439 11.35 3.83 0.01
C GLY A 439 11.89 2.94 1.12
N GLY A 440 10.99 2.20 1.73
CA GLY A 440 11.38 1.22 2.69
C GLY A 440 10.31 1.03 3.75
N GLY A 441 10.74 0.94 5.00
CA GLY A 441 9.85 0.73 6.12
C GLY A 441 9.72 -0.74 6.45
N ASP A 442 9.14 -1.52 5.54
CA ASP A 442 9.02 -2.96 5.74
C ASP A 442 10.39 -3.59 5.60
N MET A 443 10.90 -4.19 6.69
CA MET A 443 12.27 -4.64 6.70
C MET A 443 12.42 -5.90 5.83
N ARG A 444 11.30 -6.61 5.57
CA ARG A 444 11.39 -7.94 4.95
C ARG A 444 12.06 -7.95 3.59
N ASP A 445 12.19 -6.77 2.96
CA ASP A 445 12.73 -6.72 1.61
C ASP A 445 14.22 -6.99 1.62
N ASN A 446 14.93 -6.41 2.58
CA ASN A 446 16.34 -6.70 2.77
C ASN A 446 16.58 -8.22 2.88
N TRP A 447 15.54 -9.00 3.18
CA TRP A 447 15.66 -10.46 3.07
C TRP A 447 15.28 -10.99 1.70
N ARG A 448 14.13 -10.58 1.18
CA ARG A 448 13.73 -10.93 -0.18
C ARG A 448 14.86 -10.66 -1.16
N SER A 449 15.68 -9.63 -0.87
CA SER A 449 16.72 -9.18 -1.77
C SER A 449 17.89 -10.15 -1.81
N GLU A 450 17.91 -11.11 -0.89
CA GLU A 450 18.75 -12.29 -1.04
C GLU A 450 17.96 -13.58 -1.02
N LEU A 451 16.63 -13.48 -0.98
CA LEU A 451 15.73 -14.66 -1.01
C LEU A 451 15.15 -14.81 -2.42
N TYR A 452 15.37 -13.79 -3.27
CA TYR A 452 14.91 -13.76 -4.65
C TYR A 452 15.25 -15.05 -5.39
N LYS A 453 16.31 -15.71 -4.94
CA LYS A 453 16.89 -16.85 -5.65
C LYS A 453 16.65 -18.17 -4.97
N TYR A 454 15.54 -18.40 -4.27
CA TYR A 454 15.38 -19.72 -3.67
C TYR A 454 13.90 -20.08 -3.61
N LYS A 455 13.65 -21.38 -3.71
CA LYS A 455 12.30 -21.88 -3.51
C LYS A 455 12.34 -23.20 -2.76
N VAL A 456 11.40 -23.37 -1.85
CA VAL A 456 11.27 -24.57 -1.05
C VAL A 456 10.34 -25.55 -1.76
N VAL A 457 10.79 -26.79 -1.93
CA VAL A 457 10.01 -27.81 -2.61
C VAL A 457 9.96 -29.07 -1.76
N LYS A 458 8.75 -29.61 -1.58
CA LYS A 458 8.57 -30.91 -0.94
C LYS A 458 8.62 -32.02 -1.97
N ILE A 459 9.66 -32.86 -1.90
CA ILE A 459 9.81 -34.01 -2.78
C ILE A 459 9.06 -35.18 -2.17
N GLU A 460 8.50 -36.01 -3.04
CA GLU A 460 7.93 -37.29 -2.65
C GLU A 460 8.67 -38.39 -3.40
N PRO A 461 9.40 -39.26 -2.71
CA PRO A 461 10.23 -40.25 -3.42
C PRO A 461 9.43 -41.32 -4.15
N LEU A 462 8.10 -41.25 -4.10
CA LEU A 462 7.25 -42.30 -4.66
C LEU A 462 6.69 -41.88 -6.02
N GLY A 463 6.63 -42.86 -6.93
CA GLY A 463 5.98 -42.66 -8.23
C GLY A 463 5.72 -43.98 -8.93
N VAL A 464 4.47 -44.22 -9.36
CA VAL A 464 4.08 -45.53 -9.87
C VAL A 464 3.74 -45.42 -11.35
N ALA A 465 4.02 -46.50 -12.09
CA ALA A 465 3.82 -46.56 -13.53
C ALA A 465 3.25 -47.91 -13.93
N PRO A 466 2.35 -47.93 -14.93
CA PRO A 466 1.92 -49.22 -15.49
C PRO A 466 3.02 -49.88 -16.31
N THR A 467 3.04 -51.21 -16.26
CA THR A 467 4.02 -52.01 -16.97
C THR A 467 3.73 -53.50 -16.82
N ARG A 468 3.91 -54.24 -17.92
CA ARG A 468 3.56 -55.65 -18.07
C ARG A 468 4.37 -56.61 -17.20
N CYS A 469 4.43 -56.35 -15.89
CA CYS A 469 5.23 -57.15 -14.97
C CYS A 469 4.36 -57.81 -13.92
N LYS A 470 4.58 -59.11 -13.71
CA LYS A 470 3.79 -59.95 -12.82
C LYS A 470 4.61 -60.35 -11.60
N ARG A 471 3.91 -60.57 -10.49
CA ARG A 471 4.48 -61.13 -9.27
C ARG A 471 4.15 -62.62 -9.18
N ARG A 472 4.82 -63.31 -8.27
CA ARG A 472 4.54 -64.72 -8.02
C ARG A 472 3.22 -64.90 -7.30
N PHE B 11 22.32 -36.68 -7.17
CA PHE B 11 21.17 -36.29 -6.37
C PHE B 11 20.17 -35.49 -7.17
N LEU B 12 19.00 -36.09 -7.45
CA LEU B 12 17.98 -35.46 -8.27
C LEU B 12 18.56 -34.96 -9.58
N GLY B 13 19.60 -35.63 -10.05
CA GLY B 13 20.47 -35.18 -11.13
C GLY B 13 19.82 -34.47 -12.29
N ALA B 14 18.91 -35.16 -12.98
CA ALA B 14 18.30 -34.60 -14.19
C ALA B 14 16.85 -35.09 -14.27
N ALA B 15 16.00 -34.49 -13.43
CA ALA B 15 14.56 -34.75 -13.52
C ALA B 15 14.00 -34.42 -14.89
N GLY B 16 14.73 -33.63 -15.70
CA GLY B 16 14.30 -33.33 -17.05
C GLY B 16 14.72 -34.37 -18.08
N SER B 17 15.62 -35.28 -17.71
CA SER B 17 15.88 -36.44 -18.53
C SER B 17 14.66 -37.34 -18.51
N THR B 18 14.45 -38.08 -19.59
CA THR B 18 13.22 -38.84 -19.72
C THR B 18 13.19 -39.97 -18.67
N MET B 19 12.03 -40.65 -18.59
CA MET B 19 11.82 -41.63 -17.54
C MET B 19 12.74 -42.83 -17.70
N GLY B 20 12.90 -43.29 -18.94
CA GLY B 20 13.76 -44.45 -19.21
C GLY B 20 15.22 -44.18 -18.93
N ALA B 21 15.68 -42.97 -19.25
CA ALA B 21 17.01 -42.53 -18.84
C ALA B 21 17.12 -42.45 -17.31
N ALA B 22 16.15 -41.78 -16.67
CA ALA B 22 16.21 -41.56 -15.23
C ALA B 22 16.18 -42.86 -14.45
N SER B 23 15.63 -43.91 -15.05
CA SER B 23 15.48 -45.19 -14.35
C SER B 23 16.83 -45.78 -13.91
N MET B 24 17.93 -45.36 -14.56
CA MET B 24 19.21 -46.04 -14.36
C MET B 24 19.62 -46.14 -12.89
N THR B 25 19.54 -45.05 -12.12
CA THR B 25 19.87 -45.08 -10.70
C THR B 25 18.75 -44.42 -9.91
N LEU B 26 18.24 -45.12 -8.89
CA LEU B 26 17.27 -44.57 -7.93
C LEU B 26 17.81 -44.67 -6.51
N THR B 27 19.06 -44.26 -6.35
CA THR B 27 19.95 -44.70 -5.29
C THR B 27 20.55 -43.55 -4.50
N VAL B 28 20.56 -42.35 -5.06
CA VAL B 28 21.10 -41.20 -4.33
C VAL B 28 19.98 -40.34 -3.76
N GLN B 29 18.85 -40.19 -4.49
CA GLN B 29 17.68 -39.54 -3.89
C GLN B 29 17.22 -40.27 -2.64
N ALA B 30 17.50 -41.57 -2.54
CA ALA B 30 17.25 -42.33 -1.33
C ALA B 30 18.48 -42.41 -0.42
N ARG B 31 19.52 -41.62 -0.75
CA ARG B 31 20.77 -41.61 0.05
C ARG B 31 20.73 -40.45 1.05
N ASN B 32 20.76 -39.21 0.56
CA ASN B 32 20.73 -38.04 1.40
C ASN B 32 19.35 -37.78 1.98
N LEU B 33 18.36 -38.64 1.69
CA LEU B 33 17.02 -38.44 2.23
C LEU B 33 16.98 -38.62 3.74
N LEU B 34 17.94 -39.32 4.34
CA LEU B 34 18.26 -39.05 5.73
C LEU B 34 19.74 -38.73 5.98
N SER B 35 20.68 -39.29 5.22
CA SER B 35 22.10 -38.97 5.33
C SER B 35 22.60 -38.89 6.78
N GLY B 36 22.72 -40.04 7.44
CA GLY B 36 23.07 -40.09 8.84
C GLY B 36 21.88 -39.76 9.71
N THR B 58 16.06 -25.31 24.81
CA THR B 58 16.18 -24.01 24.15
C THR B 58 15.18 -23.87 23.00
N VAL B 59 14.46 -22.73 22.99
CA VAL B 59 13.73 -22.32 21.80
C VAL B 59 14.75 -21.93 20.73
N TRP B 60 14.33 -22.03 19.46
CA TRP B 60 15.20 -21.93 18.28
C TRP B 60 15.98 -23.22 18.12
N GLY B 61 16.13 -23.97 19.21
CA GLY B 61 16.66 -25.33 19.18
C GLY B 61 15.55 -26.36 19.17
N ILE B 62 14.36 -25.97 19.61
CA ILE B 62 13.20 -26.86 19.51
C ILE B 62 12.82 -27.08 18.04
N LYS B 63 13.07 -26.09 17.18
CA LYS B 63 12.50 -26.12 15.84
C LYS B 63 13.10 -27.23 14.99
N GLN B 64 14.43 -27.24 14.82
CA GLN B 64 14.99 -28.28 13.95
C GLN B 64 14.72 -29.67 14.49
N LEU B 65 14.42 -29.78 15.79
CA LEU B 65 13.88 -31.03 16.31
C LEU B 65 12.49 -31.29 15.75
N GLN B 66 11.63 -30.27 15.79
CA GLN B 66 10.29 -30.40 15.23
C GLN B 66 10.30 -30.73 13.74
N ALA B 67 11.38 -30.41 13.04
CA ALA B 67 11.52 -30.67 11.61
C ALA B 67 12.03 -32.07 11.33
N ARG B 68 13.14 -32.44 11.99
CA ARG B 68 13.67 -33.80 11.86
C ARG B 68 12.62 -34.84 12.21
N VAL B 69 11.75 -34.54 13.19
CA VAL B 69 10.80 -35.55 13.62
C VAL B 69 9.80 -35.86 12.48
N LEU B 70 9.29 -34.82 11.82
CA LEU B 70 8.34 -35.13 10.76
C LEU B 70 9.03 -35.61 9.50
N ALA B 71 10.30 -35.27 9.29
CA ALA B 71 11.06 -35.95 8.24
C ALA B 71 11.07 -37.44 8.48
N VAL B 72 11.25 -37.84 9.74
CA VAL B 72 11.19 -39.24 10.10
C VAL B 72 9.78 -39.78 9.86
N GLU B 73 8.76 -38.99 10.22
CA GLU B 73 7.39 -39.49 10.04
C GLU B 73 7.07 -39.68 8.56
N ARG B 74 7.56 -38.76 7.72
CA ARG B 74 7.31 -38.87 6.29
C ARG B 74 7.98 -40.11 5.73
N TYR B 75 9.25 -40.32 6.13
CA TYR B 75 9.95 -41.55 5.77
C TYR B 75 9.16 -42.79 6.19
N LEU B 76 8.56 -42.75 7.39
CA LEU B 76 7.90 -43.94 7.91
C LEU B 76 6.51 -44.13 7.31
N ARG B 77 5.76 -43.04 7.13
CA ARG B 77 4.54 -43.07 6.33
C ARG B 77 4.80 -43.71 4.98
N ASP B 78 5.90 -43.33 4.35
CA ASP B 78 6.34 -43.97 3.13
C ASP B 78 6.49 -45.47 3.38
N GLN B 79 7.48 -45.86 4.20
CA GLN B 79 7.75 -47.27 4.42
C GLN B 79 6.49 -48.07 4.81
N GLN B 80 5.52 -47.43 5.45
CA GLN B 80 4.27 -48.09 5.82
C GLN B 80 3.37 -48.30 4.60
N LEU B 81 3.05 -47.22 3.88
CA LEU B 81 2.35 -47.35 2.60
C LEU B 81 3.04 -48.36 1.69
N LEU B 82 4.34 -48.56 1.92
CA LEU B 82 5.12 -49.48 1.09
C LEU B 82 4.87 -50.91 1.53
N GLY B 83 5.10 -51.19 2.82
CA GLY B 83 4.96 -52.54 3.34
C GLY B 83 3.55 -53.08 3.26
N ILE B 84 2.55 -52.21 3.40
CA ILE B 84 1.18 -52.69 3.31
C ILE B 84 0.84 -53.04 1.86
N TRP B 85 1.68 -52.63 0.91
CA TRP B 85 1.68 -53.14 -0.45
C TRP B 85 2.64 -54.31 -0.58
N GLY B 86 2.39 -55.18 -1.56
CA GLY B 86 3.23 -56.34 -1.77
C GLY B 86 4.69 -56.00 -1.94
N CYS B 87 4.94 -54.71 -2.17
CA CYS B 87 6.27 -54.14 -2.33
C CYS B 87 7.15 -54.37 -1.11
N SER B 88 7.29 -53.36 -0.27
CA SER B 88 8.21 -53.37 0.87
C SER B 88 9.63 -53.66 0.42
N GLY B 89 9.83 -54.72 -0.37
CA GLY B 89 11.05 -54.90 -1.13
C GLY B 89 11.40 -53.61 -1.83
N LYS B 90 12.53 -53.01 -1.43
CA LYS B 90 12.78 -51.60 -1.64
C LYS B 90 12.77 -51.23 -3.12
N LEU B 91 12.51 -49.94 -3.38
CA LEU B 91 12.68 -49.27 -4.67
C LEU B 91 11.65 -49.69 -5.72
N ILE B 92 11.76 -50.90 -6.26
CA ILE B 92 10.90 -51.33 -7.36
C ILE B 92 10.16 -52.61 -6.96
N CYS B 93 8.95 -52.77 -7.51
CA CYS B 93 7.99 -53.77 -7.07
C CYS B 93 6.83 -53.95 -8.04
N CYS B 94 6.80 -55.09 -8.74
CA CYS B 94 5.72 -55.40 -9.66
C CYS B 94 4.46 -55.78 -8.87
N THR B 95 3.31 -55.66 -9.52
CA THR B 95 2.05 -55.73 -8.79
C THR B 95 0.96 -56.39 -9.62
N ASN B 96 0.10 -57.14 -8.92
CA ASN B 96 -0.98 -57.91 -9.52
C ASN B 96 -2.23 -57.08 -9.80
N VAL B 97 -2.08 -55.81 -10.21
CA VAL B 97 -3.19 -55.03 -10.80
C VAL B 97 -2.72 -54.26 -12.02
N PRO B 98 -3.46 -54.27 -13.13
CA PRO B 98 -2.97 -53.60 -14.36
C PRO B 98 -3.35 -52.13 -14.46
N TRP B 99 -3.85 -51.76 -15.62
CA TRP B 99 -4.08 -50.37 -16.00
C TRP B 99 -5.58 -50.08 -16.05
N ASN B 100 -5.92 -48.81 -16.24
CA ASN B 100 -7.27 -48.40 -16.57
C ASN B 100 -7.22 -47.50 -17.80
N SER B 101 -7.96 -47.87 -18.85
CA SER B 101 -8.06 -47.12 -20.10
C SER B 101 -8.17 -45.63 -19.88
N SER B 102 -9.34 -45.20 -19.41
CA SER B 102 -9.67 -43.81 -19.11
C SER B 102 -8.56 -43.02 -18.42
N TRP B 103 -7.74 -43.68 -17.59
CA TRP B 103 -6.66 -43.00 -16.88
C TRP B 103 -5.58 -42.42 -17.80
N SER B 104 -6.01 -41.76 -18.88
CA SER B 104 -5.13 -41.20 -19.91
C SER B 104 -4.46 -42.31 -20.73
N ASN B 105 -5.28 -42.90 -21.60
CA ASN B 105 -4.76 -43.81 -22.62
C ASN B 105 -3.60 -43.20 -23.40
N ARG B 106 -2.43 -43.82 -23.26
CA ARG B 106 -1.29 -43.40 -24.09
C ARG B 106 -0.49 -44.60 -24.57
N ASN B 107 0.82 -44.43 -24.75
CA ASN B 107 1.65 -45.41 -25.43
C ASN B 107 2.91 -45.72 -24.62
N LEU B 108 3.66 -46.70 -25.10
CA LEU B 108 4.78 -47.29 -24.38
C LEU B 108 6.05 -46.46 -24.51
N SER B 109 6.37 -45.99 -25.72
CA SER B 109 7.54 -45.17 -25.94
C SER B 109 7.30 -43.70 -25.68
N GLU B 110 6.04 -43.28 -25.53
CA GLU B 110 5.72 -41.88 -25.30
C GLU B 110 6.05 -41.42 -23.90
N ILE B 111 6.46 -42.32 -22.98
CA ILE B 111 6.59 -41.85 -21.60
C ILE B 111 7.99 -42.11 -21.04
N TRP B 112 8.57 -43.30 -21.24
CA TRP B 112 9.93 -43.49 -20.74
C TRP B 112 10.94 -42.73 -21.59
N ASP B 113 10.58 -42.40 -22.84
CA ASP B 113 11.46 -41.74 -23.79
C ASP B 113 11.10 -40.28 -24.05
N ASN B 114 9.94 -39.81 -23.56
CA ASN B 114 9.47 -38.47 -23.90
C ASN B 114 8.85 -37.70 -22.75
N MET B 115 8.88 -38.20 -21.51
CA MET B 115 8.21 -37.57 -20.38
C MET B 115 9.12 -37.57 -19.16
N THR B 116 8.70 -36.86 -18.12
CA THR B 116 9.43 -36.83 -16.87
C THR B 116 8.48 -37.08 -15.71
N TRP B 117 8.98 -36.89 -14.50
CA TRP B 117 8.37 -37.47 -13.31
C TRP B 117 7.19 -36.65 -12.80
N LEU B 118 7.45 -35.42 -12.35
CA LEU B 118 6.38 -34.48 -12.07
C LEU B 118 5.45 -34.37 -13.26
N GLN B 119 6.02 -34.32 -14.46
CA GLN B 119 5.26 -34.33 -15.71
C GLN B 119 4.18 -35.40 -15.68
N TRP B 120 4.50 -36.56 -15.12
CA TRP B 120 3.50 -37.61 -14.94
C TRP B 120 2.57 -37.33 -13.77
N ASP B 121 3.14 -37.04 -12.59
CA ASP B 121 2.30 -37.00 -11.40
C ASP B 121 1.34 -35.82 -11.37
N LYS B 122 1.61 -34.74 -12.09
CA LYS B 122 0.64 -33.65 -12.20
C LYS B 122 -0.64 -34.13 -12.88
N GLU B 123 -0.50 -34.87 -13.99
CA GLU B 123 -1.61 -35.61 -14.56
C GLU B 123 -2.24 -36.55 -13.53
N ILE B 124 -1.39 -37.37 -12.89
CA ILE B 124 -1.85 -38.45 -12.02
C ILE B 124 -2.55 -37.95 -10.78
N SER B 125 -2.37 -36.68 -10.42
CA SER B 125 -3.01 -36.08 -9.26
C SER B 125 -4.49 -36.43 -9.17
N ASN B 126 -5.13 -36.64 -10.31
CA ASN B 126 -6.58 -36.79 -10.33
C ASN B 126 -7.07 -38.20 -10.01
N TYR B 127 -6.18 -39.17 -9.83
CA TYR B 127 -6.57 -40.56 -9.57
C TYR B 127 -5.75 -41.29 -8.50
N THR B 128 -4.82 -40.61 -7.82
CA THR B 128 -3.89 -41.29 -6.91
C THR B 128 -4.63 -42.06 -5.81
N GLN B 129 -5.76 -41.51 -5.34
CA GLN B 129 -6.41 -41.99 -4.12
C GLN B 129 -6.93 -43.42 -4.26
N ILE B 130 -7.79 -43.68 -5.25
CA ILE B 130 -8.34 -45.03 -5.37
C ILE B 130 -7.28 -46.01 -5.86
N ILE B 131 -6.24 -45.52 -6.56
CA ILE B 131 -5.07 -46.34 -6.82
C ILE B 131 -4.54 -46.93 -5.52
N TYR B 132 -4.25 -46.04 -4.56
CA TYR B 132 -3.79 -46.47 -3.24
C TYR B 132 -4.80 -47.45 -2.66
N GLY B 133 -6.05 -47.01 -2.55
CA GLY B 133 -7.15 -47.79 -1.98
C GLY B 133 -7.26 -49.22 -2.47
N LEU B 134 -7.06 -49.41 -3.78
CA LEU B 134 -7.16 -50.74 -4.37
C LEU B 134 -5.89 -51.56 -4.12
N LEU B 135 -4.73 -50.92 -4.14
CA LEU B 135 -3.50 -51.63 -3.79
C LEU B 135 -3.59 -52.21 -2.39
N GLU B 136 -3.82 -51.30 -1.43
CA GLU B 136 -3.69 -51.61 -0.02
C GLU B 136 -4.74 -52.63 0.44
N GLU B 137 -5.86 -52.70 -0.28
CA GLU B 137 -6.92 -53.67 -0.03
C GLU B 137 -6.82 -54.87 -0.96
N SER B 138 -7.28 -54.67 -2.20
CA SER B 138 -7.48 -55.76 -3.15
C SER B 138 -6.22 -56.58 -3.39
N GLN B 139 -5.04 -56.05 -3.06
CA GLN B 139 -3.82 -56.83 -3.18
C GLN B 139 -3.55 -57.74 -1.99
N ASN B 140 -2.56 -57.39 -1.16
CA ASN B 140 -2.01 -58.33 -0.20
C ASN B 140 -3.08 -59.01 0.62
N GLN B 141 -4.12 -58.26 1.00
CA GLN B 141 -5.20 -58.85 1.77
C GLN B 141 -5.76 -60.11 1.09
N GLN B 142 -6.20 -59.98 -0.15
CA GLN B 142 -6.47 -61.17 -0.95
C GLN B 142 -5.22 -62.03 -1.10
N GLU B 143 -4.10 -61.40 -1.47
CA GLU B 143 -2.91 -62.14 -1.86
C GLU B 143 -2.36 -62.95 -0.69
N LYS B 144 -2.29 -62.35 0.50
CA LYS B 144 -1.75 -63.09 1.64
C LYS B 144 -2.76 -64.09 2.19
N ASN B 145 -4.05 -63.85 2.00
CA ASN B 145 -5.04 -64.86 2.41
C ASN B 145 -5.01 -66.06 1.48
N GLU B 146 -4.92 -65.81 0.18
CA GLU B 146 -4.72 -66.91 -0.78
C GLU B 146 -3.43 -67.65 -0.45
N GLN B 147 -2.39 -66.90 -0.08
CA GLN B 147 -1.12 -67.50 0.31
C GLN B 147 -1.30 -68.42 1.52
N ASP B 148 -2.02 -67.93 2.54
CA ASP B 148 -2.40 -68.79 3.67
C ASP B 148 -3.09 -70.05 3.17
N LEU B 149 -4.01 -69.89 2.21
CA LEU B 149 -4.69 -71.04 1.64
C LEU B 149 -3.73 -72.00 0.96
N LEU B 150 -2.54 -71.54 0.54
CA LEU B 150 -1.52 -72.50 0.15
C LEU B 150 -0.37 -72.62 1.16
N ALA B 151 -0.14 -71.63 2.04
CA ALA B 151 0.85 -71.79 3.10
C ALA B 151 0.43 -72.79 4.17
N LEU B 152 -0.62 -73.58 3.91
CA LEU B 152 -1.10 -74.62 4.81
C LEU B 152 -0.77 -76.02 4.36
N ASP B 153 -0.69 -76.25 3.05
CA ASP B 153 -0.54 -77.59 2.48
C ASP B 153 0.85 -77.80 1.92
N ALA C 1 -17.69 -2.37 12.71
CA ALA C 1 -16.31 -1.90 12.72
C ALA C 1 -16.20 -0.59 11.92
N GLY C 2 -15.47 -0.64 10.80
CA GLY C 2 -15.41 0.54 9.95
C GLY C 2 -14.34 1.54 10.37
N LEU C 3 -14.58 2.80 9.98
CA LEU C 3 -13.67 3.92 10.20
C LEU C 3 -14.43 5.18 10.59
N MET C 4 -13.74 6.04 11.31
CA MET C 4 -14.29 7.26 11.91
C MET C 4 -13.67 8.46 11.19
N GLN C 5 -14.41 8.98 10.22
CA GLN C 5 -14.23 10.33 9.69
C GLN C 5 -14.77 11.39 10.64
N SER C 6 -13.95 12.38 10.97
CA SER C 6 -14.50 13.54 11.66
C SER C 6 -15.60 14.17 10.82
N GLY C 7 -16.42 14.99 11.48
CA GLY C 7 -17.52 15.65 10.80
C GLY C 7 -17.07 16.76 9.86
N ALA C 8 -18.01 17.22 9.03
CA ALA C 8 -17.74 18.29 8.07
C ALA C 8 -17.26 19.54 8.80
N VAL C 9 -16.66 20.46 8.04
CA VAL C 9 -16.09 21.64 8.67
C VAL C 9 -15.83 22.74 7.64
N MET C 10 -15.94 23.98 8.08
CA MET C 10 -15.69 25.19 7.30
C MET C 10 -14.36 25.78 7.75
N LYS C 11 -13.54 26.23 6.81
CA LYS C 11 -12.48 27.20 7.17
C LYS C 11 -12.34 28.26 6.08
N ASN C 12 -11.10 28.71 5.86
CA ASN C 12 -10.85 29.96 5.17
C ASN C 12 -9.75 29.84 4.13
N SER C 13 -9.83 30.67 3.09
CA SER C 13 -8.79 30.77 2.08
C SER C 13 -7.43 30.89 2.75
N GLY C 14 -6.38 30.41 2.10
CA GLY C 14 -5.14 30.22 2.84
C GLY C 14 -5.39 29.25 3.96
N ALA C 15 -4.89 29.57 5.16
CA ALA C 15 -5.10 28.74 6.33
C ALA C 15 -4.56 27.33 6.16
N SER C 16 -5.15 26.38 6.89
CA SER C 16 -4.69 25.00 7.01
C SER C 16 -5.57 24.31 8.04
N VAL C 17 -5.69 22.98 7.90
CA VAL C 17 -6.51 22.16 8.79
C VAL C 17 -6.02 20.71 8.77
N ARG C 18 -6.53 19.92 9.72
CA ARG C 18 -6.17 18.54 10.02
C ARG C 18 -7.44 17.70 10.14
N VAL C 19 -7.42 16.49 9.59
CA VAL C 19 -8.60 15.63 9.53
C VAL C 19 -8.24 14.22 10.01
N SER C 20 -9.20 13.57 10.68
CA SER C 20 -8.96 12.35 11.44
C SER C 20 -9.72 11.15 10.88
N CYS C 21 -8.99 10.07 10.62
CA CYS C 21 -9.53 8.74 10.33
C CYS C 21 -9.16 7.78 11.47
N GLN C 22 -10.12 7.48 12.34
CA GLN C 22 -9.90 6.52 13.43
C GLN C 22 -10.24 5.11 12.97
N ALA C 23 -9.35 4.17 13.26
CA ALA C 23 -9.47 2.79 12.82
C ALA C 23 -9.79 1.86 13.98
N ASP C 24 -10.85 1.06 13.83
CA ASP C 24 -11.22 0.03 14.78
C ASP C 24 -11.57 -1.26 14.06
N GLY C 25 -11.19 -2.38 14.66
CA GLY C 25 -11.59 -3.68 14.18
C GLY C 25 -10.51 -4.54 13.56
N TYR C 26 -9.23 -4.17 13.69
CA TYR C 26 -8.16 -4.94 13.05
C TYR C 26 -6.76 -4.44 13.39
N ASP C 27 -5.84 -4.61 12.44
CA ASP C 27 -4.43 -4.25 12.56
C ASP C 27 -4.14 -2.92 11.90
N PHE C 28 -4.14 -1.87 12.71
CA PHE C 28 -3.67 -0.57 12.25
C PHE C 28 -2.35 -0.71 11.50
N ILE C 29 -1.40 -1.47 12.03
CA ILE C 29 -0.05 -1.46 11.45
C ILE C 29 -0.03 -2.16 10.09
N ASP C 30 -0.69 -3.29 9.97
CA ASP C 30 -0.72 -3.98 8.69
C ASP C 30 -1.50 -3.10 7.71
N TYR C 31 -1.56 -3.50 6.44
CA TYR C 31 -2.46 -2.90 5.47
C TYR C 31 -2.00 -1.47 5.20
N VAL C 32 -2.70 -0.72 4.33
CA VAL C 32 -2.24 0.61 3.97
C VAL C 32 -3.43 1.54 3.77
N ILE C 33 -3.20 2.84 3.99
CA ILE C 33 -4.25 3.86 3.93
C ILE C 33 -4.06 4.71 2.69
N HIS C 34 -5.19 5.15 2.12
CA HIS C 34 -5.24 6.10 1.03
C HIS C 34 -6.28 7.15 1.36
N TRP C 35 -6.22 8.26 0.65
CA TRP C 35 -7.19 9.34 0.80
C TRP C 35 -7.69 9.76 -0.58
N PHE C 36 -8.96 10.16 -0.63
CA PHE C 36 -9.62 10.50 -1.88
C PHE C 36 -10.55 11.70 -1.67
N ARG C 37 -10.84 12.40 -2.78
CA ARG C 37 -11.59 13.66 -2.80
C ARG C 37 -12.59 13.71 -3.94
N GLN C 38 -13.83 14.10 -3.62
CA GLN C 38 -14.81 14.45 -4.63
C GLN C 38 -15.24 15.90 -4.45
N ARG C 39 -14.94 16.74 -5.43
CA ARG C 39 -15.36 18.14 -5.49
C ARG C 39 -16.79 18.23 -6.03
N ARG C 40 -17.31 19.47 -6.06
CA ARG C 40 -18.63 19.81 -6.59
C ARG C 40 -18.89 19.11 -7.91
N GLY C 41 -19.77 18.11 -7.92
CA GLY C 41 -20.00 17.28 -9.08
C GLY C 41 -18.75 16.97 -9.87
N GLU C 42 -17.89 16.10 -9.34
CA GLU C 42 -16.58 15.88 -9.94
C GLU C 42 -16.20 14.41 -9.87
N GLY C 43 -15.47 13.97 -10.89
CA GLY C 43 -14.84 12.67 -10.87
C GLY C 43 -13.85 12.60 -9.73
N LEU C 44 -13.93 11.55 -8.93
CA LEU C 44 -13.13 11.49 -7.72
C LEU C 44 -11.65 11.50 -8.05
N GLU C 45 -10.85 11.92 -7.08
CA GLU C 45 -9.43 12.14 -7.28
C GLU C 45 -8.64 11.43 -6.21
N TRP C 46 -7.48 10.92 -6.59
CA TRP C 46 -6.57 10.38 -5.61
C TRP C 46 -5.80 11.51 -4.92
N LEU C 47 -5.55 11.33 -3.62
CA LEU C 47 -4.81 12.28 -2.79
C LEU C 47 -3.44 11.78 -2.37
N GLY C 48 -3.36 10.55 -1.88
CA GLY C 48 -2.10 10.06 -1.37
C GLY C 48 -2.31 8.82 -0.54
N TRP C 49 -1.18 8.21 -0.15
CA TRP C 49 -1.26 7.00 0.64
C TRP C 49 -0.14 6.99 1.67
N MET C 50 -0.39 6.22 2.71
CA MET C 50 0.59 5.97 3.74
C MET C 50 0.52 4.51 4.13
N ASN C 51 1.64 3.86 4.06
CA ASN C 51 1.85 2.66 4.81
C ASN C 51 2.00 3.04 6.28
N PRO C 52 1.15 2.55 7.17
CA PRO C 52 1.29 2.90 8.60
C PRO C 52 2.46 2.22 9.31
N SER C 53 3.28 1.42 8.61
CA SER C 53 4.46 0.84 9.24
C SER C 53 5.52 1.90 9.53
N GLY C 54 6.62 1.88 8.77
CA GLY C 54 7.62 2.92 8.93
C GLY C 54 7.04 4.32 8.81
N GLY C 55 6.13 4.52 7.86
CA GLY C 55 5.50 5.81 7.68
C GLY C 55 5.60 6.32 6.27
N GLY C 56 6.29 5.56 5.40
CA GLY C 56 6.52 5.95 4.03
C GLY C 56 5.24 6.30 3.28
N THR C 57 5.31 7.27 2.38
CA THR C 57 4.14 7.73 1.65
C THR C 57 4.51 8.01 0.22
N ASN C 58 3.52 8.48 -0.54
CA ASN C 58 3.76 8.94 -1.91
C ASN C 58 2.68 9.92 -2.30
N TYR C 59 3.09 11.17 -2.42
CA TYR C 59 2.19 12.22 -2.82
C TYR C 59 2.25 12.37 -4.32
N PRO C 60 1.15 12.28 -5.07
CA PRO C 60 1.18 12.51 -6.51
C PRO C 60 1.78 13.88 -6.81
N ARG C 61 2.44 13.98 -7.97
CA ARG C 61 3.16 15.18 -8.40
C ARG C 61 2.39 16.47 -8.16
N PRO C 62 1.12 16.61 -8.58
CA PRO C 62 0.45 17.90 -8.43
C PRO C 62 0.04 18.22 -7.01
N PHE C 63 0.12 17.27 -6.07
CA PHE C 63 -0.25 17.55 -4.69
C PHE C 63 0.91 17.46 -3.71
N GLN C 64 2.13 17.30 -4.19
CA GLN C 64 3.26 17.27 -3.27
C GLN C 64 3.42 18.61 -2.57
N GLY C 65 3.78 18.56 -1.29
CA GLY C 65 3.89 19.77 -0.46
C GLY C 65 2.56 20.37 -0.03
N LYS C 66 1.56 20.30 -0.91
CA LYS C 66 0.19 20.69 -0.56
C LYS C 66 -0.30 19.94 0.67
N VAL C 67 -0.22 18.61 0.62
CA VAL C 67 -0.87 17.72 1.58
C VAL C 67 0.15 17.23 2.61
N THR C 68 -0.32 16.77 3.77
CA THR C 68 0.58 16.21 4.78
C THR C 68 -0.19 15.13 5.53
N MET C 69 -0.07 13.89 5.08
CA MET C 69 -0.81 12.80 5.72
C MET C 69 0.12 11.96 6.60
N THR C 70 -0.40 11.62 7.79
CA THR C 70 0.41 11.08 8.88
C THR C 70 -0.39 10.00 9.60
N ARG C 71 0.23 9.46 10.66
CA ARG C 71 -0.40 8.43 11.49
C ARG C 71 0.06 8.58 12.93
N ASP C 72 -0.71 8.00 13.85
CA ASP C 72 -0.23 7.72 15.20
C ASP C 72 -0.54 6.26 15.50
N THR C 73 0.52 5.46 15.66
CA THR C 73 0.35 4.01 15.82
C THR C 73 -0.36 3.68 17.12
N SER C 74 -0.02 4.39 18.19
CA SER C 74 -0.58 4.07 19.51
C SER C 74 -2.07 4.37 19.55
N THR C 75 -2.46 5.59 19.16
CA THR C 75 -3.88 5.89 19.05
C THR C 75 -4.57 5.10 17.95
N GLU C 76 -3.80 4.37 17.12
CA GLU C 76 -4.31 3.62 15.98
C GLU C 76 -5.09 4.52 15.02
N THR C 77 -4.58 5.74 14.81
CA THR C 77 -5.35 6.75 14.09
C THR C 77 -4.56 7.23 12.88
N ALA C 78 -5.27 7.59 11.81
CA ALA C 78 -4.70 8.21 10.62
C ALA C 78 -5.07 9.69 10.57
N TYR C 79 -4.15 10.52 10.13
CA TYR C 79 -4.38 11.96 10.11
C TYR C 79 -4.01 12.49 8.74
N LEU C 80 -4.55 13.66 8.41
CA LEU C 80 -4.22 14.34 7.17
C LEU C 80 -4.20 15.84 7.40
N ASP C 81 -3.38 16.54 6.63
CA ASP C 81 -3.22 17.97 6.75
C ASP C 81 -3.34 18.58 5.38
N VAL C 82 -3.92 19.78 5.32
CA VAL C 82 -4.00 20.51 4.07
C VAL C 82 -3.76 21.98 4.35
N ARG C 83 -2.98 22.61 3.47
CA ARG C 83 -2.47 23.96 3.68
C ARG C 83 -2.90 24.89 2.56
N GLY C 84 -2.75 26.19 2.82
CA GLY C 84 -3.05 27.25 1.86
C GLY C 84 -4.32 27.03 1.06
N LEU C 85 -5.42 26.77 1.77
CA LEU C 85 -6.66 26.31 1.15
C LEU C 85 -7.24 27.32 0.17
N THR C 86 -7.86 26.78 -0.87
CA THR C 86 -8.58 27.54 -1.87
C THR C 86 -9.94 26.93 -2.05
N TYR C 87 -10.83 27.68 -2.71
CA TYR C 87 -12.15 27.14 -3.03
C TYR C 87 -12.03 25.86 -3.82
N ASP C 88 -10.99 25.77 -4.67
CA ASP C 88 -10.82 24.60 -5.52
C ASP C 88 -10.67 23.32 -4.69
N ASP C 89 -10.56 23.44 -3.36
CA ASP C 89 -10.42 22.36 -2.41
C ASP C 89 -11.73 22.04 -1.67
N THR C 90 -12.82 22.72 -2.03
CA THR C 90 -14.17 22.42 -1.55
C THR C 90 -14.66 21.04 -1.95
N ALA C 91 -14.88 20.17 -0.99
CA ALA C 91 -15.15 18.79 -1.37
C ALA C 91 -15.60 17.88 -0.25
N VAL C 92 -15.49 16.57 -0.49
CA VAL C 92 -15.62 15.54 0.54
C VAL C 92 -14.43 14.60 0.43
N TYR C 93 -13.92 14.17 1.59
CA TYR C 93 -12.59 13.57 1.75
C TYR C 93 -12.71 12.27 2.53
N TYR C 94 -12.34 11.17 1.87
CA TYR C 94 -12.42 9.83 2.44
C TYR C 94 -11.02 9.31 2.76
N CYS C 95 -10.87 8.67 3.92
CA CYS C 95 -9.73 7.77 4.01
C CYS C 95 -10.23 6.39 3.61
N VAL C 96 -9.31 5.48 3.33
CA VAL C 96 -9.73 4.15 2.87
C VAL C 96 -8.60 3.12 3.00
N ARG C 97 -8.96 1.93 3.49
CA ARG C 97 -8.04 0.82 3.71
C ARG C 97 -7.94 -0.08 2.51
N ASP C 98 -6.70 -0.26 2.05
CA ASP C 98 -6.22 -1.40 1.26
C ASP C 98 -5.74 -2.55 2.14
N ARG C 99 -6.23 -3.77 1.83
CA ARG C 99 -5.65 -4.98 2.42
C ARG C 99 -4.57 -5.61 1.56
N ALA C 100 -4.59 -5.38 0.24
CA ALA C 100 -3.62 -6.08 -0.60
C ALA C 100 -2.23 -5.48 -0.54
N ASN C 101 -1.99 -4.43 0.25
CA ASN C 101 -0.67 -3.82 0.34
C ASN C 101 -0.43 -3.40 1.78
N GLY C 102 0.81 -3.55 2.24
CA GLY C 102 1.17 -3.23 3.60
C GLY C 102 1.87 -4.40 4.25
N SER C 103 2.52 -4.14 5.39
CA SER C 103 3.30 -5.17 6.12
C SER C 103 2.37 -6.22 6.74
N GLY C 104 2.95 -7.33 7.21
CA GLY C 104 2.19 -8.41 7.83
C GLY C 104 1.97 -9.55 6.89
N ARG C 105 1.86 -10.75 7.45
CA ARG C 105 1.69 -11.94 6.62
C ARG C 105 0.30 -12.00 5.99
N ARG C 106 -0.68 -11.34 6.60
CA ARG C 106 -2.05 -11.37 6.09
C ARG C 106 -2.17 -10.42 4.91
N ARG C 107 -2.47 -10.99 3.73
CA ARG C 107 -2.64 -10.21 2.51
C ARG C 107 -3.65 -10.95 1.65
N PHE C 108 -4.71 -10.24 1.24
CA PHE C 108 -5.71 -10.90 0.41
C PHE C 108 -5.21 -11.05 -1.01
N GLU C 109 -4.34 -10.14 -1.45
CA GLU C 109 -3.67 -10.18 -2.74
C GLU C 109 -4.63 -9.97 -3.91
N SER C 110 -4.30 -8.96 -4.71
CA SER C 110 -5.01 -8.60 -5.93
C SER C 110 -4.05 -7.77 -6.75
N VAL C 111 -4.15 -7.94 -8.08
CA VAL C 111 -3.46 -7.01 -8.97
C VAL C 111 -3.95 -5.59 -8.77
N ASN C 112 -5.28 -5.37 -8.79
CA ASN C 112 -5.81 -4.05 -8.51
C ASN C 112 -5.77 -3.74 -7.03
N TRP C 113 -5.70 -2.45 -6.72
CA TRP C 113 -5.50 -2.09 -5.34
C TRP C 113 -6.85 -2.27 -4.66
N PHE C 114 -6.80 -2.70 -3.42
CA PHE C 114 -8.04 -2.96 -2.71
C PHE C 114 -8.47 -1.68 -2.01
N LEU C 115 -9.75 -1.35 -2.14
CA LEU C 115 -10.34 -0.27 -1.35
C LEU C 115 -11.33 -0.86 -0.36
N ASP C 116 -10.87 -1.90 0.35
CA ASP C 116 -11.71 -2.68 1.24
C ASP C 116 -12.56 -1.80 2.14
N LEU C 117 -11.93 -1.06 3.05
CA LEU C 117 -12.72 -0.43 4.10
C LEU C 117 -12.75 1.09 3.94
N TRP C 118 -13.91 1.68 4.16
CA TRP C 118 -14.19 3.06 3.79
C TRP C 118 -14.61 3.87 4.99
N GLY C 119 -13.94 4.99 5.22
CA GLY C 119 -14.49 6.00 6.09
C GLY C 119 -15.66 6.72 5.44
N ARG C 120 -16.56 7.24 6.27
CA ARG C 120 -17.79 7.86 5.77
C ARG C 120 -17.51 9.13 4.95
N GLY C 121 -16.33 9.70 5.05
CA GLY C 121 -16.02 10.96 4.40
C GLY C 121 -16.16 12.14 5.35
N THR C 122 -15.50 13.23 4.97
CA THR C 122 -15.50 14.47 5.73
C THR C 122 -15.65 15.61 4.74
N GLN C 123 -16.73 16.40 4.83
CA GLN C 123 -16.91 17.45 3.85
C GLN C 123 -16.20 18.71 4.32
N ILE C 124 -15.34 19.23 3.46
CA ILE C 124 -14.54 20.41 3.75
C ILE C 124 -15.05 21.56 2.89
N THR C 125 -15.30 22.69 3.55
CA THR C 125 -15.93 23.82 2.91
C THR C 125 -15.14 25.07 3.32
N VAL C 126 -14.47 25.66 2.34
CA VAL C 126 -13.70 26.88 2.55
C VAL C 126 -14.60 28.08 2.25
N VAL C 127 -14.93 28.83 3.29
CA VAL C 127 -15.80 30.00 3.22
C VAL C 127 -15.00 31.19 3.71
N SER C 128 -14.69 32.12 2.82
CA SER C 128 -14.02 33.34 3.22
C SER C 128 -14.84 34.02 4.30
N ALA C 129 -14.14 34.51 5.33
CA ALA C 129 -14.77 34.80 6.61
C ALA C 129 -15.71 36.00 6.57
N SER C 130 -15.98 36.57 7.74
CA SER C 130 -17.10 37.49 7.95
C SER C 130 -18.40 36.81 7.53
N THR C 131 -19.45 37.58 7.29
CA THR C 131 -20.73 36.98 6.93
C THR C 131 -21.31 37.61 5.68
N LYS C 132 -21.47 38.94 5.70
CA LYS C 132 -22.02 39.70 4.58
C LYS C 132 -23.47 39.34 4.29
N GLY C 133 -24.39 40.22 4.68
CA GLY C 133 -25.74 40.17 4.18
C GLY C 133 -25.70 40.16 2.67
N PRO C 134 -26.62 39.44 2.06
CA PRO C 134 -26.49 39.12 0.63
C PRO C 134 -26.77 40.29 -0.29
N SER C 135 -26.97 39.98 -1.57
CA SER C 135 -27.43 40.99 -2.52
C SER C 135 -28.44 40.39 -3.48
N VAL C 136 -29.65 40.94 -3.45
CA VAL C 136 -30.78 40.47 -4.26
C VAL C 136 -30.89 41.27 -5.54
N PHE C 137 -31.07 40.55 -6.66
CA PHE C 137 -31.32 40.98 -8.03
C PHE C 137 -32.55 40.40 -8.72
N PRO C 138 -33.41 41.25 -9.36
CA PRO C 138 -34.65 40.72 -9.95
C PRO C 138 -34.47 40.14 -11.35
N LEU C 139 -34.96 38.92 -11.55
CA LEU C 139 -34.94 38.27 -12.86
C LEU C 139 -36.37 38.27 -13.38
N ALA C 140 -36.61 39.07 -14.38
CA ALA C 140 -37.95 39.34 -14.85
C ALA C 140 -38.29 38.46 -16.05
N PRO C 141 -39.56 38.29 -16.37
CA PRO C 141 -39.92 37.52 -17.58
C PRO C 141 -39.75 38.41 -18.79
N SER C 142 -40.14 37.87 -19.95
CA SER C 142 -40.32 38.65 -21.16
C SER C 142 -40.69 37.72 -22.31
N SER C 143 -40.20 38.03 -23.50
CA SER C 143 -40.47 37.24 -24.70
C SER C 143 -39.71 35.92 -24.66
N GLY C 148 -46.31 32.23 -25.50
CA GLY C 148 -45.60 30.97 -25.50
C GLY C 148 -45.67 30.28 -24.14
N GLY C 149 -44.58 29.62 -23.75
CA GLY C 149 -44.45 29.07 -22.42
C GLY C 149 -44.77 30.14 -21.40
N THR C 150 -45.80 29.90 -20.58
CA THR C 150 -46.37 30.94 -19.74
C THR C 150 -45.29 31.61 -18.90
N ALA C 151 -45.53 32.87 -18.53
CA ALA C 151 -44.48 33.73 -18.01
C ALA C 151 -43.88 33.15 -16.74
N ALA C 152 -42.66 33.58 -16.43
CA ALA C 152 -41.95 33.07 -15.25
C ALA C 152 -40.83 34.03 -14.90
N LEU C 153 -40.49 34.09 -13.61
CA LEU C 153 -39.57 35.10 -13.10
C LEU C 153 -39.12 34.69 -11.70
N GLY C 154 -38.30 35.52 -11.09
CA GLY C 154 -37.96 35.36 -9.69
C GLY C 154 -37.00 36.43 -9.23
N CYS C 155 -36.39 36.19 -8.08
CA CYS C 155 -35.29 37.03 -7.60
C CYS C 155 -34.15 36.13 -7.19
N LEU C 156 -32.96 36.46 -7.64
CA LEU C 156 -31.80 35.75 -7.12
C LEU C 156 -31.23 36.55 -5.95
N VAL C 157 -30.45 35.85 -5.14
CA VAL C 157 -29.78 36.45 -4.01
C VAL C 157 -28.37 35.87 -3.99
N LYS C 158 -27.39 36.70 -3.68
CA LYS C 158 -26.03 36.39 -4.08
C LYS C 158 -25.03 36.76 -2.99
N ASP C 159 -23.79 36.28 -3.17
CA ASP C 159 -22.60 36.40 -2.32
C ASP C 159 -22.87 36.78 -0.87
N TYR C 160 -23.53 35.85 -0.16
CA TYR C 160 -23.80 35.99 1.25
C TYR C 160 -23.10 34.85 1.99
N PHE C 161 -23.31 34.80 3.31
CA PHE C 161 -22.85 33.75 4.20
C PHE C 161 -23.32 34.07 5.61
N PRO C 162 -23.78 33.09 6.40
CA PRO C 162 -23.94 31.70 5.96
C PRO C 162 -25.35 31.42 5.46
N GLU C 163 -25.52 30.28 4.78
CA GLU C 163 -26.86 29.78 4.55
C GLU C 163 -27.45 29.29 5.88
N PRO C 164 -28.77 29.09 5.97
CA PRO C 164 -29.81 29.43 4.98
C PRO C 164 -30.21 30.90 4.93
N VAL C 165 -31.30 31.11 4.19
CA VAL C 165 -31.85 32.43 3.93
C VAL C 165 -33.32 32.25 3.58
N THR C 166 -34.15 33.13 4.11
CA THR C 166 -35.59 33.05 3.90
C THR C 166 -35.98 33.90 2.71
N VAL C 167 -36.80 33.33 1.83
CA VAL C 167 -37.45 34.08 0.77
C VAL C 167 -38.92 33.74 0.75
N SER C 168 -39.75 34.77 0.70
CA SER C 168 -41.20 34.69 0.70
C SER C 168 -41.72 35.55 -0.44
N TRP C 169 -42.94 35.28 -0.85
CA TRP C 169 -43.56 35.96 -1.99
C TRP C 169 -44.79 36.73 -1.50
N ASN C 170 -44.63 38.06 -1.40
CA ASN C 170 -45.64 38.97 -0.86
C ASN C 170 -46.02 38.55 0.58
N SER C 171 -45.05 38.75 1.46
CA SER C 171 -45.06 38.15 2.80
C SER C 171 -45.35 36.65 2.74
N GLY C 172 -44.93 36.02 1.64
CA GLY C 172 -45.22 34.62 1.43
C GLY C 172 -46.69 34.33 1.19
N ALA C 173 -47.47 35.34 0.81
CA ALA C 173 -48.89 35.13 0.59
C ALA C 173 -49.14 34.10 -0.49
N LEU C 174 -48.41 34.20 -1.60
CA LEU C 174 -48.54 33.23 -2.67
C LEU C 174 -47.54 32.08 -2.45
N THR C 175 -48.01 30.85 -2.69
CA THR C 175 -47.13 29.69 -2.73
C THR C 175 -47.46 28.80 -3.91
N SER C 176 -48.08 29.35 -4.95
CA SER C 176 -48.52 28.61 -6.13
C SER C 176 -47.48 28.75 -7.22
N GLY C 177 -46.72 27.67 -7.45
CA GLY C 177 -45.75 27.63 -8.53
C GLY C 177 -44.41 28.21 -8.16
N VAL C 178 -43.98 27.97 -6.92
CA VAL C 178 -42.75 28.55 -6.39
C VAL C 178 -41.73 27.43 -6.15
N HIS C 179 -40.46 27.77 -6.33
CA HIS C 179 -39.38 26.87 -5.93
C HIS C 179 -38.16 27.69 -5.56
N THR C 180 -37.51 27.31 -4.47
CA THR C 180 -36.32 27.99 -3.98
C THR C 180 -35.16 27.00 -4.03
N PHE C 181 -34.28 27.18 -5.00
CA PHE C 181 -33.29 26.18 -5.35
C PHE C 181 -32.18 26.11 -4.30
N PRO C 182 -31.31 25.11 -4.40
CA PRO C 182 -30.22 24.99 -3.43
C PRO C 182 -29.24 26.15 -3.57
N ALA C 183 -28.54 26.42 -2.47
CA ALA C 183 -27.45 27.37 -2.49
C ALA C 183 -26.33 26.86 -3.41
N VAL C 184 -25.37 27.75 -3.70
CA VAL C 184 -24.24 27.43 -4.55
C VAL C 184 -23.01 28.07 -3.93
N LEU C 185 -21.96 27.28 -3.74
CA LEU C 185 -20.69 27.86 -3.29
C LEU C 185 -19.92 28.32 -4.52
N GLN C 186 -19.98 29.62 -4.78
CA GLN C 186 -19.13 30.20 -5.80
C GLN C 186 -17.68 30.10 -5.36
N SER C 187 -16.78 30.37 -6.31
CA SER C 187 -15.35 30.43 -5.99
C SER C 187 -15.09 31.34 -4.80
N SER C 188 -15.71 32.51 -4.80
CA SER C 188 -15.55 33.55 -3.78
C SER C 188 -15.58 33.02 -2.33
N GLY C 189 -16.04 31.79 -2.14
CA GLY C 189 -16.22 31.27 -0.80
C GLY C 189 -17.53 31.65 -0.14
N LEU C 190 -18.45 32.26 -0.88
CA LEU C 190 -19.75 32.67 -0.36
C LEU C 190 -20.82 31.98 -1.20
N TYR C 191 -22.09 32.18 -0.83
CA TYR C 191 -23.18 31.42 -1.42
C TYR C 191 -24.09 32.30 -2.26
N SER C 192 -24.91 31.65 -3.06
CA SER C 192 -25.85 32.34 -3.94
C SER C 192 -26.96 31.38 -4.36
N LEU C 193 -28.20 31.86 -4.40
CA LEU C 193 -29.33 31.02 -4.80
C LEU C 193 -30.40 31.91 -5.45
N SER C 194 -31.57 31.33 -5.72
CA SER C 194 -32.65 32.11 -6.31
C SER C 194 -34.00 31.48 -6.01
N SER C 195 -35.02 32.33 -5.93
CA SER C 195 -36.40 31.93 -5.71
C SER C 195 -37.20 32.28 -6.96
N VAL C 196 -38.01 31.33 -7.45
CA VAL C 196 -38.67 31.47 -8.74
C VAL C 196 -40.16 31.18 -8.61
N VAL C 197 -40.97 31.96 -9.34
CA VAL C 197 -42.39 31.74 -9.55
C VAL C 197 -42.64 31.65 -11.05
N THR C 198 -43.67 30.91 -11.43
CA THR C 198 -44.22 31.03 -12.78
C THR C 198 -45.67 31.49 -12.68
N VAL C 199 -46.08 32.24 -13.70
CA VAL C 199 -47.38 32.91 -13.76
C VAL C 199 -48.01 32.85 -15.14
N PRO C 200 -49.34 33.11 -15.24
CA PRO C 200 -49.96 33.25 -16.57
C PRO C 200 -49.34 34.38 -17.36
N SER C 201 -49.66 34.48 -18.64
CA SER C 201 -49.09 35.56 -19.45
C SER C 201 -49.83 36.87 -19.21
N SER C 202 -51.17 36.83 -19.08
CA SER C 202 -51.90 38.07 -18.77
C SER C 202 -51.72 38.46 -17.32
N SER C 203 -51.09 37.62 -16.49
CA SER C 203 -50.98 37.91 -15.05
C SER C 203 -50.02 39.05 -14.75
N LEU C 204 -49.22 39.46 -15.74
CA LEU C 204 -48.39 40.65 -15.63
C LEU C 204 -49.23 41.91 -15.87
N GLY C 205 -48.61 43.06 -15.65
CA GLY C 205 -49.30 44.32 -15.83
C GLY C 205 -50.38 44.53 -14.78
N THR C 206 -51.35 43.63 -14.74
CA THR C 206 -52.29 43.56 -13.62
C THR C 206 -51.59 43.12 -12.33
N GLN C 207 -51.72 41.85 -11.95
CA GLN C 207 -51.03 41.31 -10.79
C GLN C 207 -49.52 41.56 -10.89
N THR C 208 -48.94 42.07 -9.81
CA THR C 208 -47.51 42.40 -9.77
C THR C 208 -46.86 41.69 -8.58
N TYR C 209 -45.52 41.65 -8.59
CA TYR C 209 -44.76 40.65 -7.84
C TYR C 209 -43.52 41.23 -7.19
N ILE C 210 -43.25 40.80 -5.96
CA ILE C 210 -42.09 41.27 -5.22
C ILE C 210 -41.50 40.09 -4.45
N CYS C 211 -40.28 40.30 -3.93
CA CYS C 211 -39.59 39.37 -3.05
C CYS C 211 -39.48 39.95 -1.65
N ASN C 212 -39.94 39.19 -0.69
CA ASN C 212 -39.51 39.26 0.69
C ASN C 212 -38.33 38.30 0.85
N VAL C 213 -37.30 38.75 1.55
CA VAL C 213 -36.23 37.85 1.98
C VAL C 213 -35.78 38.33 3.35
N ASN C 214 -35.06 37.46 4.05
CA ASN C 214 -34.30 37.89 5.21
C ASN C 214 -33.12 36.95 5.39
N HIS C 215 -31.96 37.54 5.67
CA HIS C 215 -30.74 36.88 6.14
C HIS C 215 -30.52 37.39 7.57
N LYS C 216 -31.15 36.69 8.53
CA LYS C 216 -31.27 37.14 9.89
C LYS C 216 -29.95 36.91 10.63
N PRO C 217 -29.07 35.90 10.19
CA PRO C 217 -27.68 35.90 10.66
C PRO C 217 -26.97 37.24 10.50
N SER C 218 -27.29 38.00 9.46
CA SER C 218 -26.84 39.37 9.35
C SER C 218 -27.92 40.37 9.78
N ASN C 219 -29.10 39.87 10.15
CA ASN C 219 -30.30 40.67 10.40
C ASN C 219 -30.52 41.66 9.25
N THR C 220 -30.88 41.13 8.09
CA THR C 220 -31.13 41.94 6.90
C THR C 220 -32.35 41.38 6.19
N LYS C 221 -33.49 42.01 6.38
CA LYS C 221 -34.69 41.70 5.58
C LYS C 221 -34.81 42.72 4.46
N VAL C 222 -35.35 42.25 3.34
CA VAL C 222 -35.31 42.97 2.06
C VAL C 222 -36.59 42.73 1.30
N ASP C 223 -37.10 43.80 0.66
CA ASP C 223 -38.22 43.71 -0.27
C ASP C 223 -37.77 44.33 -1.58
N LYS C 224 -37.87 43.55 -2.67
CA LYS C 224 -37.52 44.00 -4.02
C LYS C 224 -38.65 43.75 -4.99
N ARG C 225 -39.03 44.79 -5.75
CA ARG C 225 -40.14 44.76 -6.68
C ARG C 225 -39.63 44.30 -8.04
N VAL C 226 -40.07 43.12 -8.49
CA VAL C 226 -39.57 42.54 -9.74
C VAL C 226 -40.49 42.95 -10.89
N GLU C 227 -39.89 43.38 -12.01
CA GLU C 227 -40.62 44.02 -13.11
C GLU C 227 -39.95 43.68 -14.45
N PRO C 228 -40.71 43.16 -15.42
CA PRO C 228 -40.17 42.90 -16.76
C PRO C 228 -40.22 44.07 -17.73
N LYS C 229 -39.08 44.33 -18.35
CA LYS C 229 -38.99 45.40 -19.35
C LYS C 229 -37.96 45.05 -20.43
N ALA D 3 -9.02 9.02 -14.82
CA ALA D 3 -9.22 9.24 -16.25
C ALA D 3 -9.92 8.06 -16.92
N LEU D 4 -11.10 7.72 -16.41
CA LEU D 4 -11.92 6.65 -16.93
C LEU D 4 -13.28 7.19 -17.34
N THR D 5 -13.97 6.44 -18.20
CA THR D 5 -15.23 6.90 -18.75
C THR D 5 -16.35 6.88 -17.71
N GLN D 6 -17.20 5.85 -17.77
CA GLN D 6 -18.39 5.70 -16.97
C GLN D 6 -19.48 6.72 -17.32
N PRO D 7 -20.73 6.28 -17.45
CA PRO D 7 -21.78 7.18 -17.89
C PRO D 7 -22.00 8.33 -16.92
N ARG D 8 -22.90 9.22 -17.29
CA ARG D 8 -23.32 10.31 -16.42
C ARG D 8 -24.48 9.89 -15.54
N SER D 9 -25.28 8.95 -16.01
CA SER D 9 -26.43 8.41 -15.30
C SER D 9 -26.98 7.27 -16.13
N VAL D 10 -27.59 6.32 -15.44
CA VAL D 10 -28.34 5.23 -16.05
C VAL D 10 -29.60 4.99 -15.23
N SER D 11 -30.61 4.40 -15.88
CA SER D 11 -31.89 4.21 -15.23
C SER D 11 -32.54 2.97 -15.81
N ALA D 12 -33.19 2.19 -14.93
CA ALA D 12 -33.88 0.94 -15.35
C ALA D 12 -34.84 0.46 -14.26
N SER D 13 -35.89 -0.26 -14.71
CA SER D 13 -36.95 -0.89 -13.93
C SER D 13 -36.41 -2.01 -13.05
N PRO D 14 -37.02 -2.26 -11.88
CA PRO D 14 -36.48 -3.28 -10.97
C PRO D 14 -36.47 -4.66 -11.59
N GLY D 15 -35.65 -5.54 -11.01
CA GLY D 15 -35.57 -6.93 -11.44
C GLY D 15 -35.02 -7.19 -12.83
N GLN D 16 -34.39 -6.18 -13.44
CA GLN D 16 -33.92 -6.33 -14.81
C GLN D 16 -32.43 -6.70 -14.84
N SER D 17 -31.74 -6.25 -15.89
CA SER D 17 -30.38 -6.69 -16.20
C SER D 17 -29.68 -5.51 -16.86
N VAL D 18 -28.68 -4.90 -16.19
CA VAL D 18 -28.12 -3.67 -16.74
C VAL D 18 -26.59 -3.67 -16.72
N THR D 19 -26.00 -3.08 -17.76
CA THR D 19 -24.57 -2.86 -17.90
C THR D 19 -24.15 -1.45 -17.47
N ILE D 20 -22.96 -1.36 -16.85
CA ILE D 20 -22.26 -0.10 -16.60
C ILE D 20 -20.84 -0.22 -17.14
N SER D 21 -20.49 0.65 -18.09
CA SER D 21 -19.22 0.61 -18.79
C SER D 21 -18.24 1.63 -18.22
N CYS D 22 -16.97 1.25 -18.10
CA CYS D 22 -15.90 2.20 -17.84
C CYS D 22 -14.70 1.83 -18.69
N THR D 23 -14.00 2.83 -19.23
CA THR D 23 -13.01 2.60 -20.27
C THR D 23 -11.76 3.42 -20.04
N GLY D 24 -10.60 2.80 -20.25
CA GLY D 24 -9.32 3.45 -20.12
C GLY D 24 -8.17 2.63 -20.64
N THR D 25 -7.76 1.60 -19.89
CA THR D 25 -6.61 0.77 -20.24
C THR D 25 -6.94 -0.69 -19.90
N HIS D 26 -6.09 -1.63 -20.34
CA HIS D 26 -6.20 -3.05 -20.03
C HIS D 26 -5.81 -3.38 -18.59
N ASN D 27 -5.57 -2.38 -17.75
CA ASN D 27 -5.28 -2.65 -16.35
C ASN D 27 -6.50 -3.20 -15.62
N TYR D 28 -6.29 -3.86 -14.49
CA TYR D 28 -7.33 -4.55 -13.75
C TYR D 28 -8.23 -3.55 -13.04
N VAL D 29 -9.43 -3.33 -13.58
CA VAL D 29 -10.46 -2.51 -12.96
C VAL D 29 -10.92 -3.18 -11.67
N SER D 30 -11.56 -2.42 -10.79
CA SER D 30 -12.51 -3.00 -9.84
C SER D 30 -13.60 -1.98 -9.52
N TRP D 31 -14.63 -2.47 -8.83
CA TRP D 31 -15.89 -1.70 -8.77
C TRP D 31 -16.33 -1.49 -7.33
N CYS D 32 -17.01 -0.38 -7.09
CA CYS D 32 -17.47 -0.06 -5.74
C CYS D 32 -18.71 0.82 -5.82
N GLN D 33 -19.28 1.08 -4.64
CA GLN D 33 -20.67 1.47 -4.49
C GLN D 33 -20.82 2.57 -3.44
N GLN D 34 -21.39 3.71 -3.87
CA GLN D 34 -21.81 4.80 -2.98
C GLN D 34 -23.33 4.78 -2.84
N LYS D 35 -23.84 4.18 -1.77
CA LYS D 35 -25.16 4.60 -1.34
C LYS D 35 -25.05 5.98 -0.70
N PRO D 36 -26.07 6.83 -0.79
CA PRO D 36 -25.93 8.21 -0.32
C PRO D 36 -25.76 8.28 1.19
N GLY D 37 -24.81 9.12 1.61
CA GLY D 37 -24.50 9.22 3.03
C GLY D 37 -24.05 7.91 3.63
N GLN D 38 -23.49 7.01 2.82
CA GLN D 38 -23.06 5.71 3.26
C GLN D 38 -21.62 5.50 2.87
N ALA D 39 -20.89 4.78 3.71
CA ALA D 39 -19.54 4.41 3.37
C ALA D 39 -19.54 3.63 2.05
N PRO D 40 -18.61 3.90 1.15
CA PRO D 40 -18.49 3.06 -0.04
C PRO D 40 -18.30 1.61 0.37
N LYS D 41 -18.73 0.69 -0.49
CA LYS D 41 -18.69 -0.74 -0.21
C LYS D 41 -18.11 -1.43 -1.44
N LEU D 42 -16.89 -1.94 -1.33
CA LEU D 42 -16.27 -2.54 -2.51
C LEU D 42 -17.05 -3.79 -2.90
N LEU D 43 -17.06 -4.06 -4.21
CA LEU D 43 -17.94 -5.06 -4.79
C LEU D 43 -17.13 -6.19 -5.41
N ILE D 44 -16.65 -5.96 -6.63
CA ILE D 44 -15.89 -6.95 -7.37
C ILE D 44 -14.46 -6.46 -7.54
N TYR D 45 -13.52 -7.37 -7.34
CA TYR D 45 -12.12 -7.13 -7.54
C TYR D 45 -11.66 -7.84 -8.81
N ASP D 46 -10.65 -7.24 -9.44
CA ASP D 46 -9.90 -7.85 -10.53
C ASP D 46 -10.82 -8.35 -11.63
N PHE D 47 -11.42 -7.40 -12.36
CA PHE D 47 -12.26 -7.54 -13.58
C PHE D 47 -13.38 -8.60 -13.58
N ASN D 48 -13.56 -9.47 -12.58
CA ASN D 48 -14.64 -10.45 -12.73
C ASN D 48 -15.20 -11.04 -11.44
N LYS D 49 -14.36 -11.37 -10.45
CA LYS D 49 -14.77 -12.18 -9.32
C LYS D 49 -15.23 -11.33 -8.13
N ARG D 50 -16.36 -11.75 -7.53
CA ARG D 50 -16.99 -11.23 -6.32
C ARG D 50 -16.60 -12.10 -5.11
N PRO D 51 -16.23 -11.52 -3.96
CA PRO D 51 -15.68 -12.34 -2.87
C PRO D 51 -16.70 -12.77 -1.81
N SER D 52 -16.53 -12.26 -0.61
CA SER D 52 -17.31 -12.69 0.54
C SER D 52 -18.47 -11.72 0.79
N GLY D 53 -19.60 -12.26 1.23
CA GLY D 53 -20.72 -11.37 1.61
C GLY D 53 -21.20 -10.48 0.49
N VAL D 54 -21.14 -10.98 -0.74
CA VAL D 54 -21.58 -10.25 -1.92
C VAL D 54 -22.60 -11.09 -2.67
N SER D 55 -23.60 -10.43 -3.25
CA SER D 55 -24.65 -11.12 -3.97
C SER D 55 -24.14 -11.56 -5.34
N ASP D 56 -24.54 -12.77 -5.74
CA ASP D 56 -24.11 -13.29 -7.04
C ASP D 56 -24.58 -12.41 -8.18
N ARG D 57 -25.62 -11.63 -7.96
CA ARG D 57 -26.28 -10.83 -8.98
C ARG D 57 -25.34 -9.89 -9.73
N PHE D 58 -24.15 -9.64 -9.18
CA PHE D 58 -23.20 -8.72 -9.81
C PHE D 58 -22.16 -9.49 -10.60
N SER D 59 -21.91 -9.06 -11.84
CA SER D 59 -21.18 -9.84 -12.83
C SER D 59 -20.24 -8.90 -13.56
N GLY D 60 -19.00 -8.77 -13.08
CA GLY D 60 -18.03 -7.91 -13.77
C GLY D 60 -17.35 -8.66 -14.90
N SER D 61 -17.08 -7.95 -15.99
CA SER D 61 -16.29 -8.52 -17.08
C SER D 61 -15.60 -7.36 -17.80
N THR D 62 -14.90 -7.69 -18.89
CA THR D 62 -14.13 -6.68 -19.61
C THR D 62 -14.06 -7.09 -21.09
N SER D 63 -13.31 -6.31 -21.86
CA SER D 63 -12.98 -6.62 -23.25
C SER D 63 -11.71 -5.89 -23.65
N GLY D 64 -10.88 -5.55 -22.66
CA GLY D 64 -9.69 -4.76 -22.86
C GLY D 64 -10.03 -3.29 -22.99
N ASN D 65 -9.24 -2.43 -22.35
CA ASN D 65 -9.50 -0.98 -22.25
C ASN D 65 -10.91 -0.68 -21.73
N THR D 66 -11.93 -1.24 -22.36
CA THR D 66 -13.28 -1.19 -21.80
C THR D 66 -13.41 -2.26 -20.72
N ALA D 67 -14.35 -2.04 -19.80
CA ALA D 67 -14.65 -3.02 -18.75
C ALA D 67 -15.97 -2.65 -18.09
N SER D 68 -16.87 -3.61 -17.93
CA SER D 68 -18.24 -3.30 -17.55
C SER D 68 -18.70 -4.21 -16.42
N LEU D 69 -19.86 -3.85 -15.87
CA LEU D 69 -20.48 -4.59 -14.79
C LEU D 69 -21.94 -4.79 -15.14
N THR D 70 -22.34 -6.06 -15.27
CA THR D 70 -23.73 -6.48 -15.46
C THR D 70 -24.36 -6.74 -14.10
N ILE D 71 -25.64 -6.40 -13.98
CA ILE D 71 -26.36 -6.55 -12.73
C ILE D 71 -27.65 -7.32 -12.99
N SER D 72 -27.84 -8.38 -12.19
CA SER D 72 -29.03 -9.21 -12.15
C SER D 72 -30.01 -8.68 -11.12
N GLY D 73 -31.30 -8.68 -11.46
CA GLY D 73 -32.35 -8.33 -10.52
C GLY D 73 -32.16 -6.98 -9.85
N LEU D 74 -32.67 -5.92 -10.46
CA LEU D 74 -32.49 -4.58 -9.93
C LEU D 74 -33.29 -4.40 -8.64
N GLN D 75 -32.56 -4.22 -7.54
CA GLN D 75 -33.12 -3.90 -6.23
C GLN D 75 -32.82 -2.44 -5.92
N ALA D 76 -33.87 -1.68 -5.59
CA ALA D 76 -33.72 -0.24 -5.36
C ALA D 76 -32.94 0.08 -4.10
N ASP D 77 -32.77 -0.88 -3.20
CA ASP D 77 -31.88 -0.73 -2.05
C ASP D 77 -30.44 -0.55 -2.54
N ASP D 78 -30.23 -0.69 -3.85
CA ASP D 78 -28.95 -0.42 -4.51
C ASP D 78 -29.00 0.86 -5.33
N GLU D 79 -29.91 1.76 -5.01
CA GLU D 79 -29.92 3.11 -5.55
C GLU D 79 -28.60 3.83 -5.28
N GLY D 80 -28.11 4.58 -6.25
CA GLY D 80 -27.06 5.50 -5.87
C GLY D 80 -25.99 5.63 -6.94
N HIS D 81 -24.74 5.77 -6.48
CA HIS D 81 -23.60 5.99 -7.36
C HIS D 81 -22.75 4.73 -7.39
N TYR D 82 -22.10 4.49 -8.53
CA TYR D 82 -21.20 3.37 -8.72
C TYR D 82 -19.96 3.85 -9.44
N PHE D 83 -18.82 3.24 -9.13
CA PHE D 83 -17.61 3.68 -9.81
C PHE D 83 -16.64 2.53 -9.99
N CYS D 84 -15.81 2.67 -11.01
CA CYS D 84 -14.72 1.74 -11.28
C CYS D 84 -13.41 2.48 -11.08
N TRP D 85 -12.34 1.71 -10.86
CA TRP D 85 -11.00 2.29 -10.81
C TRP D 85 -9.99 1.31 -11.35
N ALA D 86 -8.79 1.83 -11.60
CA ALA D 86 -7.65 1.05 -12.04
C ALA D 86 -6.41 1.80 -11.53
N PHE D 87 -6.03 1.52 -10.29
CA PHE D 87 -4.87 2.14 -9.65
C PHE D 87 -5.15 3.64 -9.49
N GLU D 88 -4.16 4.51 -9.71
CA GLU D 88 -4.38 5.94 -9.49
C GLU D 88 -5.33 6.54 -10.51
N ASN D 89 -5.57 5.84 -11.62
CA ASN D 89 -6.54 6.27 -12.62
C ASN D 89 -7.94 5.85 -12.16
N ILE D 90 -8.86 6.81 -12.11
CA ILE D 90 -10.14 6.64 -11.43
C ILE D 90 -11.28 6.91 -12.43
N GLY D 91 -12.46 6.34 -12.14
CA GLY D 91 -13.66 6.68 -12.88
C GLY D 91 -14.41 7.83 -12.23
N GLY D 92 -15.27 8.46 -13.03
CA GLY D 92 -15.92 9.69 -12.60
C GLY D 92 -17.32 9.53 -12.04
N GLY D 93 -17.57 8.40 -11.39
CA GLY D 93 -18.88 8.16 -10.81
C GLY D 93 -19.98 7.93 -11.83
N THR D 94 -21.04 7.22 -11.42
CA THR D 94 -22.18 6.92 -12.28
C THR D 94 -23.41 6.84 -11.37
N LYS D 95 -24.30 7.82 -11.47
CA LYS D 95 -25.50 7.77 -10.62
C LYS D 95 -26.54 6.91 -11.31
N LEU D 96 -26.56 5.64 -10.94
CA LEU D 96 -27.68 4.77 -11.29
C LEU D 96 -28.88 5.07 -10.41
N THR D 97 -29.95 5.52 -11.05
CA THR D 97 -31.29 5.60 -10.54
C THR D 97 -32.11 4.48 -11.14
N VAL D 98 -33.28 4.24 -10.52
CA VAL D 98 -34.22 3.17 -10.96
C VAL D 98 -35.37 3.83 -11.74
N LEU D 99 -36.03 3.05 -12.61
CA LEU D 99 -37.11 3.51 -13.41
C LEU D 99 -38.41 3.38 -12.59
N GLY D 100 -38.71 4.41 -11.81
CA GLY D 100 -40.02 4.44 -11.18
C GLY D 100 -41.10 5.02 -12.06
N GLN D 101 -41.02 6.32 -12.28
CA GLN D 101 -41.99 7.17 -12.97
C GLN D 101 -41.45 7.63 -14.33
N PRO D 102 -42.15 8.46 -15.12
CA PRO D 102 -41.80 8.48 -16.54
C PRO D 102 -40.53 9.28 -16.74
N LYS D 103 -39.89 9.04 -17.89
CA LYS D 103 -38.81 9.87 -18.39
C LYS D 103 -39.27 11.33 -18.47
N ALA D 104 -38.96 12.12 -17.44
CA ALA D 104 -39.42 13.51 -17.38
C ALA D 104 -38.45 14.38 -18.18
N ALA D 105 -38.91 14.89 -19.31
CA ALA D 105 -38.15 15.92 -19.99
C ALA D 105 -38.03 17.15 -19.08
N PRO D 106 -36.84 17.74 -18.94
CA PRO D 106 -36.68 18.88 -18.03
C PRO D 106 -37.34 20.13 -18.58
N SER D 107 -37.31 21.20 -17.79
CA SER D 107 -37.66 22.52 -18.30
C SER D 107 -36.51 23.46 -17.99
N VAL D 108 -36.05 24.18 -19.02
CA VAL D 108 -34.83 24.96 -18.97
C VAL D 108 -35.17 26.44 -19.19
N THR D 109 -34.73 27.28 -18.25
CA THR D 109 -34.96 28.72 -18.31
C THR D 109 -33.65 29.45 -18.13
N LEU D 110 -33.39 30.39 -19.03
CA LEU D 110 -32.16 31.18 -19.04
C LEU D 110 -32.51 32.63 -18.77
N PHE D 111 -31.91 33.20 -17.73
CA PHE D 111 -32.23 34.59 -17.41
C PHE D 111 -30.99 35.47 -17.41
N PRO D 112 -31.16 36.73 -17.81
CA PRO D 112 -30.04 37.59 -18.12
C PRO D 112 -29.56 38.28 -16.89
N PRO D 113 -28.54 39.15 -17.00
CA PRO D 113 -28.11 39.90 -15.83
C PRO D 113 -29.05 41.07 -15.60
N SER D 114 -29.52 41.21 -14.36
CA SER D 114 -30.31 42.39 -14.00
C SER D 114 -29.58 43.65 -14.45
N SER D 115 -30.34 44.61 -14.96
CA SER D 115 -29.73 45.90 -15.32
C SER D 115 -29.08 46.53 -14.10
N GLU D 116 -29.51 46.12 -12.91
CA GLU D 116 -28.87 46.56 -11.68
C GLU D 116 -27.56 45.81 -11.40
N GLU D 117 -27.42 44.54 -11.84
CA GLU D 117 -26.09 43.94 -11.84
C GLU D 117 -25.15 44.76 -12.69
N LEU D 118 -25.60 45.16 -13.88
CA LEU D 118 -24.79 45.99 -14.75
C LEU D 118 -24.44 47.29 -14.05
N GLN D 119 -25.40 47.86 -13.32
CA GLN D 119 -25.05 48.99 -12.48
C GLN D 119 -24.05 48.64 -11.38
N ALA D 120 -23.84 47.36 -11.05
CA ALA D 120 -22.80 46.95 -10.12
C ALA D 120 -21.74 46.08 -10.81
N ASN D 121 -21.63 46.25 -12.13
CA ASN D 121 -20.59 45.73 -13.01
C ASN D 121 -20.23 44.25 -12.88
N LYS D 122 -21.14 43.42 -12.38
CA LYS D 122 -20.88 41.99 -12.32
C LYS D 122 -22.00 41.25 -13.04
N ALA D 123 -21.69 40.76 -14.24
CA ALA D 123 -22.64 40.07 -15.08
C ALA D 123 -22.87 38.66 -14.56
N THR D 124 -24.14 38.33 -14.31
CA THR D 124 -24.51 37.06 -13.72
C THR D 124 -25.66 36.48 -14.54
N LEU D 125 -25.43 35.29 -15.11
CA LEU D 125 -26.42 34.61 -15.93
C LEU D 125 -26.88 33.33 -15.23
N VAL D 126 -28.16 32.98 -15.40
CA VAL D 126 -28.67 31.80 -14.70
C VAL D 126 -29.31 30.85 -15.70
N CYS D 127 -29.06 29.55 -15.50
CA CYS D 127 -29.77 28.49 -16.20
C CYS D 127 -30.44 27.62 -15.15
N LEU D 128 -31.70 27.27 -15.37
CA LEU D 128 -32.50 26.64 -14.34
C LEU D 128 -33.25 25.46 -14.92
N ILE D 129 -33.14 24.30 -14.27
CA ILE D 129 -33.71 23.04 -14.77
C ILE D 129 -34.75 22.59 -13.74
N SER D 130 -35.95 22.28 -14.21
CA SER D 130 -37.06 22.02 -13.30
C SER D 130 -37.92 20.87 -13.82
N ASP D 131 -38.63 20.25 -12.87
CA ASP D 131 -39.66 19.23 -13.14
C ASP D 131 -39.11 18.06 -13.96
N PHE D 132 -37.86 17.68 -13.74
CA PHE D 132 -37.25 16.66 -14.57
C PHE D 132 -37.05 15.38 -13.78
N TYR D 133 -36.61 14.33 -14.47
CA TYR D 133 -36.44 12.99 -13.90
C TYR D 133 -35.91 12.07 -14.99
N PRO D 134 -35.01 11.15 -14.67
CA PRO D 134 -34.39 11.15 -13.35
C PRO D 134 -33.42 12.30 -13.14
N GLY D 135 -33.41 12.83 -11.92
CA GLY D 135 -32.58 13.96 -11.54
C GLY D 135 -31.13 13.72 -11.83
N ALA D 136 -30.75 13.76 -13.11
CA ALA D 136 -29.41 13.35 -13.53
C ALA D 136 -29.14 13.97 -14.91
N VAL D 137 -28.54 15.16 -14.89
CA VAL D 137 -28.35 15.98 -16.09
C VAL D 137 -26.96 16.58 -16.08
N THR D 138 -26.40 16.87 -17.25
CA THR D 138 -25.24 17.74 -17.28
C THR D 138 -25.43 18.92 -18.20
N VAL D 139 -24.59 19.93 -17.99
CA VAL D 139 -24.83 21.30 -18.43
C VAL D 139 -23.50 21.94 -18.81
N ALA D 140 -23.43 22.49 -20.02
CA ALA D 140 -22.32 23.30 -20.46
C ALA D 140 -22.86 24.59 -21.05
N TRP D 141 -22.03 25.63 -20.99
CA TRP D 141 -22.39 26.93 -21.54
C TRP D 141 -21.79 27.11 -22.92
N LYS D 142 -22.13 28.24 -23.54
CA LYS D 142 -21.80 28.50 -24.94
C LYS D 142 -21.86 30.02 -25.14
N ALA D 143 -20.70 30.67 -25.15
CA ALA D 143 -20.64 32.07 -25.55
C ALA D 143 -20.49 32.13 -27.07
N ASP D 144 -21.43 32.82 -27.71
CA ASP D 144 -21.51 32.92 -29.17
C ASP D 144 -21.63 31.52 -29.80
N SER D 145 -20.49 30.91 -30.13
CA SER D 145 -20.44 29.55 -30.68
C SER D 145 -19.39 28.71 -29.97
N SER D 146 -19.06 29.07 -28.72
CA SER D 146 -17.89 28.54 -28.05
C SER D 146 -18.26 28.18 -26.59
N PRO D 147 -17.92 26.99 -26.15
CA PRO D 147 -18.13 26.66 -24.73
C PRO D 147 -17.16 27.40 -23.83
N VAL D 148 -17.33 27.30 -22.50
CA VAL D 148 -16.55 28.10 -21.57
C VAL D 148 -16.10 27.27 -20.35
N LYS D 149 -14.94 27.65 -19.81
CA LYS D 149 -14.30 27.04 -18.66
C LYS D 149 -14.32 27.91 -17.41
N ALA D 150 -14.37 29.23 -17.59
CA ALA D 150 -14.14 30.14 -16.48
C ALA D 150 -15.39 30.35 -15.64
N GLY D 151 -15.23 30.24 -14.32
CA GLY D 151 -16.22 30.63 -13.35
C GLY D 151 -17.64 30.14 -13.58
N VAL D 152 -17.80 28.83 -13.82
CA VAL D 152 -19.12 28.22 -13.95
C VAL D 152 -19.36 27.36 -12.72
N GLU D 153 -20.54 27.51 -12.10
CA GLU D 153 -20.92 26.67 -10.99
C GLU D 153 -22.27 26.03 -11.28
N THR D 154 -22.45 24.81 -10.79
CA THR D 154 -23.69 24.06 -10.99
C THR D 154 -23.99 23.25 -9.74
N THR D 155 -25.29 23.09 -9.46
CA THR D 155 -25.76 22.52 -8.20
C THR D 155 -25.72 21.01 -8.32
N THR D 156 -26.33 20.32 -7.35
CA THR D 156 -26.66 18.90 -7.43
C THR D 156 -28.18 18.76 -7.36
N PRO D 157 -28.82 18.10 -8.33
CA PRO D 157 -30.29 18.06 -8.34
C PRO D 157 -30.90 17.43 -7.09
N SER D 158 -32.18 17.76 -6.85
CA SER D 158 -32.83 17.38 -5.60
C SER D 158 -34.35 17.33 -5.76
N LYS D 159 -35.02 17.14 -4.61
CA LYS D 159 -36.46 16.97 -4.47
C LYS D 159 -37.19 18.29 -4.74
N GLN D 160 -38.03 18.34 -5.77
CA GLN D 160 -39.06 19.36 -5.68
C GLN D 160 -40.20 18.84 -4.81
N SER D 161 -41.16 19.73 -4.55
CA SER D 161 -42.40 19.33 -3.88
C SER D 161 -43.00 18.06 -4.47
N ASN D 162 -43.13 18.04 -5.79
CA ASN D 162 -43.71 16.94 -6.55
C ASN D 162 -42.64 15.92 -6.98
N ASN D 163 -41.77 15.57 -6.03
CA ASN D 163 -40.72 14.56 -6.18
C ASN D 163 -39.75 14.80 -7.33
N LYS D 164 -40.24 15.29 -8.46
CA LYS D 164 -39.37 15.50 -9.61
C LYS D 164 -38.33 16.58 -9.25
N TYR D 165 -37.38 16.81 -10.15
CA TYR D 165 -36.10 17.40 -9.72
C TYR D 165 -35.92 18.84 -10.16
N ALA D 166 -34.96 19.49 -9.51
CA ALA D 166 -34.68 20.90 -9.69
C ALA D 166 -33.18 21.13 -9.53
N ALA D 167 -32.65 22.08 -10.29
CA ALA D 167 -31.23 22.37 -10.23
C ALA D 167 -30.95 23.68 -10.94
N SER D 168 -29.73 24.18 -10.75
CA SER D 168 -29.35 25.52 -11.18
C SER D 168 -27.89 25.56 -11.61
N SER D 169 -27.63 26.37 -12.64
CA SER D 169 -26.30 26.70 -13.14
C SER D 169 -26.15 28.20 -13.11
N TYR D 170 -25.01 28.66 -12.59
CA TYR D 170 -24.72 30.08 -12.47
C TYR D 170 -23.42 30.37 -13.21
N LEU D 171 -23.48 31.33 -14.12
CA LEU D 171 -22.31 31.83 -14.81
C LEU D 171 -22.02 33.23 -14.28
N SER D 172 -20.77 33.46 -13.89
CA SER D 172 -20.32 34.78 -13.45
C SER D 172 -19.28 35.27 -14.44
N LEU D 173 -19.65 36.31 -15.19
CA LEU D 173 -18.76 36.96 -16.20
C LEU D 173 -18.87 38.48 -16.01
N THR D 174 -17.93 39.26 -16.56
CA THR D 174 -18.07 40.70 -16.32
C THR D 174 -18.72 41.38 -17.51
N PRO D 175 -19.44 42.51 -17.29
CA PRO D 175 -20.43 42.93 -18.30
C PRO D 175 -19.86 43.13 -19.70
N GLU D 176 -18.58 43.49 -19.82
CA GLU D 176 -18.00 43.56 -21.15
C GLU D 176 -17.80 42.17 -21.75
N GLN D 177 -17.36 41.21 -20.92
CA GLN D 177 -17.21 39.82 -21.32
C GLN D 177 -18.54 39.27 -21.81
N TRP D 178 -19.64 39.89 -21.34
CA TRP D 178 -21.00 39.51 -21.70
C TRP D 178 -21.49 40.28 -22.91
N LYS D 179 -20.88 41.41 -23.22
CA LYS D 179 -21.22 42.03 -24.48
C LYS D 179 -20.46 41.40 -25.64
N SER D 180 -19.33 40.73 -25.35
CA SER D 180 -18.36 40.37 -26.39
C SER D 180 -18.72 39.17 -27.26
N HIS D 181 -19.80 38.43 -26.98
CA HIS D 181 -20.06 37.22 -27.74
C HIS D 181 -21.50 37.09 -28.26
N ARG D 182 -22.38 38.04 -27.94
CA ARG D 182 -23.75 38.03 -28.45
C ARG D 182 -24.50 36.74 -28.14
N SER D 183 -24.31 35.70 -28.95
CA SER D 183 -25.12 34.48 -28.79
C SER D 183 -24.72 33.66 -27.56
N TYR D 184 -24.83 34.25 -26.37
CA TYR D 184 -24.63 33.51 -25.13
C TYR D 184 -25.76 32.51 -24.93
N SER D 185 -25.47 31.43 -24.22
CA SER D 185 -26.34 30.27 -24.32
C SER D 185 -26.00 29.24 -23.25
N CYS D 186 -27.03 28.57 -22.78
CA CYS D 186 -26.92 27.45 -21.87
C CYS D 186 -27.38 26.19 -22.60
N GLN D 187 -26.74 25.06 -22.30
CA GLN D 187 -27.02 23.82 -23.00
C GLN D 187 -26.95 22.67 -22.01
N VAL D 188 -27.97 21.82 -22.03
CA VAL D 188 -28.11 20.71 -21.11
C VAL D 188 -28.19 19.43 -21.92
N THR D 189 -27.86 18.33 -21.26
CA THR D 189 -28.09 16.97 -21.76
C THR D 189 -28.82 16.25 -20.64
N HIS D 190 -30.08 15.95 -20.92
CA HIS D 190 -30.90 15.05 -20.11
C HIS D 190 -31.12 13.77 -20.92
N GLU D 191 -30.66 12.63 -20.38
CA GLU D 191 -30.85 11.34 -21.02
C GLU D 191 -30.61 11.39 -22.53
N GLY D 192 -29.41 11.77 -22.93
CA GLY D 192 -29.09 11.82 -24.34
C GLY D 192 -29.70 13.00 -25.07
N SER D 193 -30.93 13.38 -24.75
CA SER D 193 -31.59 14.49 -25.42
C SER D 193 -30.91 15.80 -25.01
N THR D 194 -30.39 16.52 -26.00
CA THR D 194 -29.63 17.74 -25.79
C THR D 194 -30.54 18.94 -26.06
N VAL D 195 -30.61 19.84 -25.09
CA VAL D 195 -31.51 20.98 -25.15
C VAL D 195 -30.69 22.24 -24.97
N GLU D 196 -31.16 23.34 -25.56
CA GLU D 196 -30.46 24.63 -25.50
C GLU D 196 -31.44 25.76 -25.22
N LYS D 197 -30.91 26.85 -24.68
CA LYS D 197 -31.56 28.16 -24.68
C LYS D 197 -30.49 29.23 -24.83
N THR D 198 -30.88 30.39 -25.37
CA THR D 198 -29.88 31.40 -25.68
C THR D 198 -30.39 32.79 -25.35
N VAL D 199 -29.47 33.65 -24.91
CA VAL D 199 -29.66 35.09 -24.68
C VAL D 199 -28.53 35.86 -25.35
N ALA D 200 -28.84 37.07 -25.80
CA ALA D 200 -27.94 38.03 -26.44
C ALA D 200 -28.02 39.37 -25.74
N PRO D 201 -26.96 40.17 -25.78
CA PRO D 201 -27.01 41.50 -25.15
C PRO D 201 -28.03 42.41 -25.82
N THR D 202 -29.11 42.68 -25.08
CA THR D 202 -30.15 43.56 -25.55
C THR D 202 -30.87 44.16 -24.34
C1 NAG E . 28.15 18.39 31.98
C2 NAG E . 29.60 18.91 31.89
C3 NAG E . 30.36 18.59 33.18
C4 NAG E . 29.58 19.06 34.40
C5 NAG E . 28.15 18.51 34.35
C6 NAG E . 27.27 19.00 35.48
C7 NAG E . 30.30 18.96 29.55
C8 NAG E . 31.09 18.25 28.48
N2 NAG E . 30.29 18.36 30.74
O3 NAG E . 31.63 19.22 33.14
O4 NAG E . 30.22 18.61 35.59
O5 NAG E . 27.52 18.92 33.14
O6 NAG E . 26.83 17.92 36.30
O7 NAG E . 29.72 20.01 29.34
C1 NAG E . 30.56 19.67 36.39
C2 NAG E . 31.66 19.27 37.36
C3 NAG E . 32.06 20.48 38.21
C4 NAG E . 32.50 21.62 37.31
C5 NAG E . 31.39 21.97 36.32
C6 NAG E . 31.80 23.02 35.31
C7 NAG E . 31.32 16.88 37.82
C8 NAG E . 30.90 15.87 38.86
N2 NAG E . 31.26 18.16 38.21
O3 NAG E . 33.08 20.10 39.12
O4 NAG E . 32.84 22.77 38.08
O5 NAG E . 31.01 20.80 35.57
O6 NAG E . 30.89 23.06 34.21
O7 NAG E . 31.69 16.55 36.70
C1 BMA E . 34.12 23.09 38.48
C2 BMA E . 34.22 24.27 39.42
C3 BMA E . 35.69 24.49 39.81
C4 BMA E . 36.38 23.18 40.27
C5 BMA E . 36.10 22.00 39.32
C6 BMA E . 36.55 20.67 39.90
O2 BMA E . 33.51 24.01 40.64
O3 BMA E . 35.82 25.48 40.82
O4 BMA E . 37.78 23.40 40.32
O5 BMA E . 34.69 21.93 39.05
O6 BMA E . 35.61 20.26 40.90
C1 NAG F . 17.81 15.52 42.96
C2 NAG F . 16.94 16.55 42.25
C3 NAG F . 17.06 17.90 42.93
C4 NAG F . 16.76 17.78 44.42
C5 NAG F . 17.68 16.72 45.03
C6 NAG F . 17.48 16.47 46.50
C7 NAG F . 16.64 16.06 39.85
C8 NAG F . 15.42 15.27 40.25
N2 NAG F . 17.32 16.65 40.85
O3 NAG F . 16.18 18.85 42.31
O4 NAG F . 16.94 19.01 45.09
O5 NAG F . 17.47 15.47 44.35
O6 NAG F . 18.52 15.69 47.04
O7 NAG F . 16.98 16.17 38.68
C1 NAG F . 15.74 19.51 45.52
C2 NAG F . 15.89 20.63 46.55
C3 NAG F . 14.52 21.14 47.00
C4 NAG F . 13.69 21.56 45.78
C5 NAG F . 13.61 20.42 44.77
C6 NAG F . 12.94 20.83 43.48
C7 NAG F . 16.63 19.36 48.62
C8 NAG F . 15.41 18.47 48.57
N2 NAG F . 16.77 20.31 47.67
O3 NAG F . 14.68 22.23 47.89
O4 NAG F . 12.37 21.90 46.19
O5 NAG F . 14.94 19.97 44.41
O6 NAG F . 11.53 20.63 43.54
O7 NAG F . 17.47 19.21 49.51
C1 NAG G . 4.24 9.64 23.58
C2 NAG G . 2.97 10.22 22.92
C3 NAG G . 3.24 10.52 21.44
C4 NAG G . 4.45 11.42 21.30
C5 NAG G . 5.65 10.71 21.93
C6 NAG G . 6.93 11.50 21.83
C7 NAG G . 0.89 9.47 24.00
C8 NAG G . 1.02 10.66 24.90
N2 NAG G . 1.85 9.32 23.07
O3 NAG G . 2.09 11.11 20.86
O4 NAG G . 4.70 11.78 19.95
O5 NAG G . 5.37 10.50 23.32
O6 NAG G . 6.69 12.89 21.98
O7 NAG G . -0.06 8.69 24.09
C1 NAG G . 4.49 13.13 19.75
C2 NAG G . 4.65 13.59 18.31
C3 NAG G . 4.26 15.06 18.18
C4 NAG G . 2.87 15.30 18.76
C5 NAG G . 2.75 14.72 20.17
C6 NAG G . 1.32 14.75 20.69
C7 NAG G . 7.08 14.05 18.16
C8 NAG G . 8.37 13.62 17.50
N2 NAG G . 5.99 13.35 17.80
O3 NAG G . 4.30 15.41 16.80
O4 NAG G . 2.62 16.70 18.83
O5 NAG G . 3.15 13.35 20.18
O6 NAG G . 0.56 13.67 20.20
O7 NAG G . 7.05 14.97 18.96
C1 BMA G . 1.68 17.39 18.10
C2 BMA G . 0.63 18.09 18.91
C3 BMA G . -0.60 18.27 18.02
C4 BMA G . -0.25 18.90 16.64
C5 BMA G . 1.11 18.43 16.04
C6 BMA G . 1.68 19.45 15.07
O2 BMA G . 1.07 19.40 19.29
O3 BMA G . -1.59 19.07 18.66
O4 BMA G . -1.30 18.59 15.73
O5 BMA G . 2.09 18.21 17.06
O6 BMA G . 3.09 19.54 15.29
C1 MAN G . 3.92 18.98 14.36
C2 MAN G . 4.62 17.68 14.84
C3 MAN G . 6.00 17.94 15.50
C4 MAN G . 6.80 18.99 14.72
C5 MAN G . 5.95 20.26 14.61
C6 MAN G . 6.66 21.42 13.94
O2 MAN G . 4.86 16.75 13.77
O3 MAN G . 6.77 16.75 15.68
O4 MAN G . 8.03 19.28 15.39
O5 MAN G . 4.78 19.95 13.82
O6 MAN G . 5.90 22.62 14.18
C1 NAG H . 8.95 -10.10 -14.95
C2 NAG H . 7.82 -9.17 -15.42
C3 NAG H . 6.60 -9.99 -15.82
C4 NAG H . 6.98 -11.04 -16.86
C5 NAG H . 8.15 -11.89 -16.35
C6 NAG H . 8.67 -12.87 -17.36
C7 NAG H . 8.25 -7.19 -14.02
C8 NAG H . 7.71 -6.29 -12.94
N2 NAG H . 7.46 -8.20 -14.39
O3 NAG H . 5.58 -9.13 -16.31
O4 NAG H . 5.87 -11.87 -17.15
O5 NAG H . 9.25 -11.05 -15.98
O6 NAG H . 10.06 -12.73 -17.56
O7 NAG H . 9.37 -7.01 -14.51
C1 NAG H . 5.22 -11.67 -18.33
C2 NAG H . 4.13 -12.61 -18.86
C3 NAG H . 3.60 -12.12 -20.21
C4 NAG H . 3.20 -10.65 -20.15
C5 NAG H . 4.36 -9.82 -19.61
C6 NAG H . 4.02 -8.35 -19.44
C7 NAG H . 3.82 -15.05 -19.05
C8 NAG H . 4.51 -16.37 -19.13
N2 NAG H . 4.61 -13.97 -18.96
O3 NAG H . 2.48 -12.90 -20.61
O4 NAG H . 2.84 -10.19 -21.44
O5 NAG H . 4.73 -10.31 -18.32
O6 NAG H . 4.73 -7.55 -20.38
O7 NAG H . 2.60 -14.95 -19.06
C1 NAG I . 30.38 -4.87 5.76
C2 NAG I . 29.98 -4.53 7.19
C3 NAG I . 31.07 -3.70 7.89
C4 NAG I . 32.43 -4.36 7.73
C5 NAG I . 32.70 -4.68 6.26
C6 NAG I . 34.01 -5.39 6.01
C7 NAG I . 28.00 -3.54 8.30
C8 NAG I . 26.73 -2.76 8.09
N2 NAG I . 28.72 -3.80 7.19
O3 NAG I . 30.75 -3.56 9.27
O4 NAG I . 33.46 -3.50 8.21
O5 NAG I . 31.65 -5.51 5.76
O6 NAG I . 34.43 -6.12 7.16
O7 NAG I . 28.36 -3.92 9.40
C1 NAG I . 33.79 -3.91 9.48
C2 NAG I . 35.26 -4.20 9.77
C3 NAG I . 35.42 -4.81 11.16
C4 NAG I . 34.71 -3.95 12.21
C5 NAG I . 33.27 -3.68 11.79
C6 NAG I . 32.55 -2.74 12.73
C7 NAG I . 37.15 -5.21 8.58
C8 NAG I . 37.57 -6.16 7.49
N2 NAG I . 35.83 -5.07 8.76
O3 NAG I . 36.80 -4.94 11.48
O4 NAG I . 34.72 -4.63 13.47
O5 NAG I . 33.25 -3.07 10.50
O6 NAG I . 31.23 -2.47 12.25
O7 NAG I . 37.97 -4.60 9.25
C1 BMA I . 35.66 -4.25 14.39
C2 BMA I . 35.60 -5.09 15.65
C3 BMA I . 36.65 -4.57 16.63
C4 BMA I . 38.04 -4.43 15.97
C5 BMA I . 37.99 -3.75 14.58
C6 BMA I . 39.28 -3.91 13.79
O2 BMA I . 35.95 -6.44 15.36
O3 BMA I . 36.72 -5.38 17.80
O4 BMA I . 38.89 -3.66 16.82
O5 BMA I . 36.94 -4.33 13.80
O6 BMA I . 39.01 -4.73 12.66
C1 NAG J . 36.69 4.97 1.70
C2 NAG J . 37.24 5.95 0.67
C3 NAG J . 38.20 5.24 -0.27
C4 NAG J . 39.31 4.59 0.54
C5 NAG J . 38.73 3.66 1.61
C6 NAG J . 39.76 3.11 2.57
C7 NAG J . 35.57 7.73 0.35
C8 NAG J . 34.52 8.28 -0.54
N2 NAG J . 36.18 6.61 -0.06
O3 NAG J . 38.74 6.15 -1.21
O4 NAG J . 40.20 3.87 -0.31
O5 NAG J . 37.77 4.36 2.41
O6 NAG J . 40.04 4.03 3.60
O7 NAG J . 35.89 8.27 1.41
C1 NAG J . 41.49 4.35 -0.37
C2 NAG J . 42.55 3.33 -0.77
C3 NAG J . 43.92 3.99 -0.89
C4 NAG J . 43.86 5.22 -1.79
C5 NAG J . 42.75 6.16 -1.31
C6 NAG J . 42.54 7.37 -2.20
C7 NAG J . 41.62 1.31 0.33
C8 NAG J . 41.85 0.26 1.37
N2 NAG J . 42.60 2.23 0.18
O3 NAG J . 44.87 3.07 -1.40
O4 NAG J . 45.11 5.91 -1.77
O5 NAG J . 41.50 5.45 -1.29
O6 NAG J . 41.24 7.92 -2.04
O7 NAG J . 40.61 1.35 -0.36
C1 NAG K . 40.36 8.64 23.36
C2 NAG K . 41.69 8.32 22.69
C3 NAG K . 42.43 7.27 23.51
C4 NAG K . 42.59 7.74 24.94
C5 NAG K . 41.22 8.11 25.53
C6 NAG K . 41.31 8.71 26.92
C7 NAG K . 42.51 7.78 20.43
C8 NAG K . 42.13 7.31 19.06
N2 NAG K . 41.51 7.87 21.32
O3 NAG K . 43.70 7.01 22.92
O4 NAG K . 43.19 6.72 25.73
O5 NAG K . 40.57 9.09 24.70
O6 NAG K . 41.99 9.96 26.92
O7 NAG K . 43.66 8.08 20.72
C1 NAG K . 44.55 6.86 25.88
C2 NAG K . 45.16 5.90 26.88
C3 NAG K . 46.68 6.15 26.99
C4 NAG K . 47.32 6.09 25.61
C5 NAG K . 46.62 7.04 24.65
C6 NAG K . 47.14 6.92 23.22
C7 NAG K . 43.32 5.50 28.48
C8 NAG K . 42.83 5.72 29.89
N2 NAG K . 44.53 6.01 28.18
O3 NAG K . 47.25 5.17 27.84
O4 NAG K . 48.69 6.46 25.70
O5 NAG K . 45.22 6.74 24.60
O6 NAG K . 46.60 5.79 22.55
O7 NAG K . 42.65 4.87 27.65
C1 NAG L . 34.77 12.64 4.52
C2 NAG L . 36.04 12.34 5.34
C3 NAG L . 36.43 13.56 6.19
C4 NAG L . 36.54 14.80 5.31
C5 NAG L . 35.25 15.01 4.54
C6 NAG L . 35.28 16.19 3.60
C7 NAG L . 35.79 9.92 5.75
C8 NAG L . 35.60 8.86 6.78
N2 NAG L . 35.85 11.18 6.20
O3 NAG L . 37.68 13.30 6.84
O4 NAG L . 36.80 15.96 6.09
O5 NAG L . 34.97 13.84 3.75
O6 NAG L . 36.34 16.07 2.65
O7 NAG L . 35.87 9.66 4.54
C1 NAG L . 38.12 16.34 5.99
C2 NAG L . 38.43 17.83 5.99
C3 NAG L . 39.93 18.05 6.12
C4 NAG L . 40.50 17.30 7.32
C5 NAG L . 40.08 15.83 7.29
C6 NAG L . 40.46 15.07 8.54
C7 NAG L . 38.30 18.28 3.56
C8 NAG L . 37.61 19.09 2.51
N2 NAG L . 37.90 18.51 4.83
O3 NAG L . 40.19 19.45 6.23
O4 NAG L . 41.91 17.36 7.32
O5 NAG L . 38.65 15.72 7.17
O6 NAG L . 39.33 14.61 9.25
O7 NAG L . 39.15 17.44 3.29
C1 BMA L . 42.52 18.43 7.93
C2 BMA L . 43.59 17.90 8.91
C3 BMA L . 44.26 19.08 9.63
C4 BMA L . 44.64 20.23 8.66
C5 BMA L . 43.42 20.64 7.83
C6 BMA L . 43.69 21.79 6.85
O2 BMA L . 44.61 17.16 8.23
O3 BMA L . 45.40 18.67 10.38
O4 BMA L . 45.10 21.35 9.40
O5 BMA L . 42.99 19.48 7.10
O6 BMA L . 44.73 21.41 5.96
C1 MAN L . 44.85 22.33 4.94
C2 MAN L . 45.17 21.41 3.73
C3 MAN L . 46.65 21.03 3.78
C4 MAN L . 47.52 22.31 3.80
C5 MAN L . 47.17 23.08 5.09
C6 MAN L . 47.95 24.37 5.24
O2 MAN L . 44.96 22.07 2.48
O3 MAN L . 47.02 20.16 2.69
O4 MAN L . 48.91 22.00 3.76
O5 MAN L . 45.76 23.42 5.08
O6 MAN L . 47.25 25.19 6.19
C1 MAN L . 46.76 18.99 3.36
C2 MAN L . 48.15 18.54 3.90
C3 MAN L . 49.15 18.39 2.75
C4 MAN L . 48.54 17.54 1.59
C5 MAN L . 47.24 18.18 1.12
C6 MAN L . 46.56 17.40 0.00
O2 MAN L . 48.10 17.25 4.55
O3 MAN L . 50.38 17.82 3.21
O4 MAN L . 49.44 17.48 0.49
O5 MAN L . 46.31 18.25 2.25
O6 MAN L . 45.33 18.04 -0.31
C1 MAN L . 48.71 17.01 5.75
C2 MAN L . 48.33 17.91 6.94
C3 MAN L . 49.44 17.91 7.98
C4 MAN L . 50.27 16.62 7.94
C5 MAN L . 50.96 16.48 6.56
C6 MAN L . 51.37 15.05 6.20
O2 MAN L . 47.17 17.42 7.61
O3 MAN L . 48.93 18.12 9.31
O4 MAN L . 51.27 16.63 8.96
O5 MAN L . 50.10 16.99 5.51
O6 MAN L . 51.30 14.90 4.77
C1 MAN L . 45.53 19.18 11.65
C2 MAN L . 46.72 18.35 12.13
C3 MAN L . 46.21 16.96 12.49
C4 MAN L . 45.13 17.07 13.59
C5 MAN L . 43.99 18.04 13.14
C6 MAN L . 43.02 18.37 14.25
O2 MAN L . 47.26 18.89 13.33
O3 MAN L . 47.27 16.09 12.91
O4 MAN L . 44.58 15.79 13.86
O5 MAN L . 44.54 19.29 12.65
O6 MAN L . 43.78 18.59 15.44
C1 NAG M . 13.37 17.65 1.37
C2 NAG M . 13.65 18.03 2.83
C3 NAG M . 12.92 19.32 3.19
C4 NAG M . 13.15 20.41 2.14
C5 NAG M . 12.90 19.88 0.74
C6 NAG M . 13.21 20.90 -0.35
C7 NAG M . 13.95 15.83 3.89
C8 NAG M . 13.37 14.84 4.86
N2 NAG M . 13.25 16.96 3.73
O3 NAG M . 13.42 19.75 4.46
O4 NAG M . 12.21 21.47 2.34
O5 NAG M . 13.72 18.73 0.51
O6 NAG M . 14.19 20.40 -1.26
O7 NAG M . 14.98 15.59 3.27
C1 NAG M . 12.33 22.44 3.29
C2 NAG M . 12.03 23.91 3.05
C3 NAG M . 12.66 24.78 4.13
C4 NAG M . 12.27 24.27 5.52
C5 NAG M . 12.49 22.76 5.64
C6 NAG M . 11.88 22.19 6.91
C7 NAG M . 13.75 24.29 1.30
C8 NAG M . 14.00 24.76 -0.09
N2 NAG M . 12.48 24.33 1.72
O3 NAG M . 12.23 26.13 3.97
O4 NAG M . 13.06 24.94 6.51
O5 NAG M . 11.86 22.08 4.56
O6 NAG M . 10.49 22.01 6.74
O7 NAG M . 14.67 23.91 2.03
C1 BMA M . 13.00 26.11 7.22
C2 BMA M . 12.89 25.64 8.71
C3 BMA M . 13.37 26.74 9.69
C4 BMA M . 14.63 27.45 9.19
C5 BMA M . 14.36 28.00 7.78
C6 BMA M . 15.48 28.90 7.24
O2 BMA M . 13.67 24.47 8.97
O3 BMA M . 13.59 26.22 11.02
O4 BMA M . 14.98 28.52 10.06
O5 BMA M . 14.19 26.86 6.92
O6 BMA M . 16.62 28.10 6.90
C1 NAG N . 19.17 17.13 4.86
C2 NAG N . 18.51 17.91 6.01
C3 NAG N . 17.57 18.96 5.44
C4 NAG N . 18.34 19.89 4.52
C5 NAG N . 19.00 19.06 3.41
C6 NAG N . 19.87 19.90 2.50
C7 NAG N . 16.81 16.22 6.64
C8 NAG N . 16.24 15.41 7.77
N2 NAG N . 17.82 17.04 6.95
O3 NAG N . 16.93 19.67 6.49
O4 NAG N . 17.48 20.87 3.97
O5 NAG N . 19.84 18.05 3.96
O6 NAG N . 21.14 19.29 2.30
O7 NAG N . 16.38 16.12 5.50
C1 NAG N . 17.79 22.14 4.42
C2 NAG N . 17.50 23.23 3.39
C3 NAG N . 17.71 24.62 4.01
C4 NAG N . 16.91 24.75 5.30
C5 NAG N . 17.23 23.60 6.25
C6 NAG N . 16.39 23.59 7.50
C7 NAG N . 18.10 23.65 1.03
C8 NAG N . 19.09 23.39 -0.05
N2 NAG N . 18.35 23.08 2.22
O3 NAG N . 17.29 25.63 3.10
O4 NAG N . 17.22 25.99 5.94
O5 NAG N . 16.98 22.35 5.58
O6 NAG N . 16.33 24.89 8.09
O7 NAG N . 17.12 24.37 0.86
C1 NAG O . 21.06 19.75 -6.43
C2 NAG O . 21.89 20.13 -5.23
C3 NAG O . 22.85 21.24 -5.60
C4 NAG O . 23.72 20.79 -6.78
C5 NAG O . 22.90 20.14 -7.92
C6 NAG O . 23.77 19.40 -8.91
C7 NAG O . 21.37 20.24 -2.84
C8 NAG O . 20.39 20.69 -1.80
N2 NAG O . 21.05 20.52 -4.10
O3 NAG O . 23.65 21.54 -4.47
O4 NAG O . 24.42 21.91 -7.31
O5 NAG O . 21.92 19.21 -7.44
O6 NAG O . 23.29 19.51 -10.25
O7 NAG O . 22.41 19.65 -2.54
C1 NAG O . 25.27 22.77 -6.68
C2 NAG O . 26.75 22.47 -6.92
C3 NAG O . 27.62 23.28 -5.97
C4 NAG O . 27.28 24.76 -6.06
C5 NAG O . 25.79 24.96 -5.83
C6 NAG O . 25.35 26.40 -5.99
C7 NAG O . 27.00 20.18 -7.80
C8 NAG O . 27.31 18.75 -7.46
N2 NAG O . 27.03 21.04 -6.77
O3 NAG O . 29.00 23.06 -6.28
O4 NAG O . 28.02 25.51 -5.11
O5 NAG O . 25.05 24.19 -6.78
O6 NAG O . 24.13 26.50 -6.71
O7 NAG O . 26.75 20.54 -8.95
C1 NAG P . 33.06 -4.97 -1.06
C2 NAG P . 33.39 -6.25 -0.27
C3 NAG P . 34.81 -6.72 -0.58
C4 NAG P . 35.00 -6.86 -2.08
C5 NAG P . 34.71 -5.52 -2.73
C6 NAG P . 34.90 -5.50 -4.22
C7 NAG P . 32.17 -6.44 1.86
C8 NAG P . 31.11 -7.18 1.09
N2 NAG P . 33.23 -6.02 1.16
O3 NAG P . 35.05 -7.97 0.08
O4 NAG P . 36.33 -7.29 -2.40
O5 NAG P . 33.35 -5.16 -2.46
O6 NAG P . 36.20 -5.05 -4.57
O7 NAG P . 32.07 -6.24 3.07
C1 NAG P . 36.24 -8.53 -2.99
C2 NAG P . 37.46 -9.00 -3.78
C3 NAG P . 37.19 -10.38 -4.37
C4 NAG P . 36.78 -11.35 -3.28
C5 NAG P . 35.59 -10.80 -2.50
C6 NAG P . 35.21 -11.67 -1.31
C7 NAG P . 39.07 -7.89 -5.26
C8 NAG P . 39.27 -6.87 -6.33
N2 NAG P . 37.82 -8.06 -4.82
O3 NAG P . 38.37 -10.84 -5.04
O4 NAG P . 36.43 -12.61 -3.86
O5 NAG P . 35.91 -9.51 -1.98
O6 NAG P . 35.69 -11.12 -0.10
O7 NAG P . 40.01 -8.54 -4.80
C1 NAG Q . 20.40 25.13 23.87
C2 NAG Q . 20.22 26.61 24.25
C3 NAG Q . 18.77 27.03 24.01
C4 NAG Q . 18.33 26.67 22.60
C5 NAG Q . 18.66 25.23 22.25
C6 NAG Q . 18.41 24.89 20.80
C7 NAG Q . 21.84 27.25 25.98
C8 NAG Q . 22.07 27.44 27.45
N2 NAG Q . 20.62 26.85 25.62
O3 NAG Q . 18.66 28.44 24.23
O4 NAG Q . 16.92 26.87 22.47
O5 NAG Q . 20.05 24.95 22.52
O6 NAG Q . 18.09 26.04 20.03
O7 NAG Q . 22.73 27.43 25.16
C1 NAG R . 0.25 -6.16 -13.03
C2 NAG R . -0.24 -7.51 -13.52
C3 NAG R . -0.41 -7.48 -15.04
C4 NAG R . -1.27 -6.30 -15.46
C5 NAG R . -0.85 -4.98 -14.76
C6 NAG R . -1.86 -3.88 -14.95
C7 NAG R . 1.87 -8.93 -13.31
C8 NAG R . 2.64 -8.01 -14.20
N2 NAG R . 0.57 -8.65 -13.07
O3 NAG R . -0.99 -8.71 -15.48
O4 NAG R . -1.25 -6.14 -16.88
O5 NAG R . -0.71 -5.17 -13.35
O6 NAG R . -2.73 -3.77 -13.83
O7 NAG R . 2.39 -9.94 -12.84
C1 NAG S . 15.45 1.00 -25.99
C2 NAG S . 15.11 -0.13 -26.95
C3 NAG S . 16.11 -1.27 -26.80
C4 NAG S . 17.54 -0.76 -26.95
C5 NAG S . 17.80 0.45 -26.05
C6 NAG S . 19.12 1.12 -26.35
C7 NAG S . 12.81 -0.62 -27.69
C8 NAG S . 13.23 -0.09 -29.03
N2 NAG S . 13.75 -0.61 -26.73
O3 NAG S . 15.84 -2.26 -27.79
O4 NAG S . 18.46 -1.79 -26.63
O5 NAG S . 16.79 1.46 -26.25
O6 NAG S . 18.95 2.34 -27.07
O7 NAG S . 11.67 -1.04 -27.48
C1 NAG T . 28.45 12.55 -14.03
C2 NAG T . 27.84 11.98 -15.32
C3 NAG T . 27.64 13.10 -16.35
C4 NAG T . 26.87 14.26 -15.75
C5 NAG T . 27.55 14.73 -14.47
C6 NAG T . 26.82 15.84 -13.76
C7 NAG T . 28.22 10.00 -16.71
C8 NAG T . 29.22 8.98 -17.18
N2 NAG T . 28.68 10.93 -15.87
O3 NAG T . 26.94 12.58 -17.47
O4 NAG T . 26.79 15.34 -16.67
O5 NAG T . 27.64 13.63 -13.55
O6 NAG T . 26.26 15.40 -12.52
O7 NAG T . 27.05 9.98 -17.08
C1 NAG U . -11.62 -47.60 -14.95
C2 NAG U . -12.54 -48.34 -14.00
C3 NAG U . -13.96 -48.34 -14.57
C4 NAG U . -14.41 -46.93 -14.91
C5 NAG U . -13.36 -46.22 -15.77
C6 NAG U . -13.69 -44.76 -16.05
C7 NAG U . -12.35 -50.41 -12.70
C8 NAG U . -11.78 -51.79 -12.65
N2 NAG U . -12.07 -49.70 -13.80
O3 NAG U . -14.86 -48.93 -13.62
O4 NAG U . -15.66 -46.97 -15.60
O5 NAG U . -12.08 -46.25 -15.12
O6 NAG U . -14.02 -44.54 -17.42
O7 NAG U . -13.05 -49.96 -11.79
C1 NAG V . 0.24 -45.05 -30.10
C2 NAG V . 0.53 -44.22 -31.37
C3 NAG V . -0.54 -44.51 -32.44
C4 NAG V . -0.70 -46.01 -32.66
C5 NAG V . -0.94 -46.72 -31.33
C6 NAG V . -1.01 -48.22 -31.46
C7 NAG V . 1.53 -42.23 -30.32
C8 NAG V . 1.40 -40.75 -30.12
N2 NAG V . 0.58 -42.81 -31.07
O3 NAG V . -0.16 -43.87 -33.65
O4 NAG V . -1.80 -46.26 -33.53
O5 NAG V . 0.15 -46.43 -30.44
O6 NAG V . -1.32 -48.83 -30.21
O7 NAG V . 2.45 -42.87 -29.85
C1 NAG W . -6.93 -32.79 -12.93
C2 NAG W . -6.48 -31.96 -14.16
C3 NAG W . -6.65 -30.46 -13.87
C4 NAG W . -8.04 -30.14 -13.35
C5 NAG W . -8.37 -31.03 -12.16
C6 NAG W . -9.75 -30.81 -11.58
C7 NAG W . -4.59 -32.02 -15.73
C8 NAG W . -3.13 -32.36 -15.91
N2 NAG W . -5.10 -32.25 -14.52
O3 NAG W . -6.40 -29.70 -15.06
O4 NAG W . -8.12 -28.77 -12.96
O5 NAG W . -8.28 -32.40 -12.56
O6 NAG W . -9.83 -31.31 -10.24
O7 NAG W . -5.28 -31.56 -16.64
#